data_5O4G
#
_entry.id   5O4G
#
_cell.length_a   62.790
_cell.length_b   113.500
_cell.length_c   113.490
_cell.angle_alpha   90.00
_cell.angle_beta   101.92
_cell.angle_gamma   90.00
#
_symmetry.space_group_name_H-M   'P 1 21 1'
#
loop_
_entity.id
_entity.type
_entity.pdbx_description
1 polymer 'Receptor tyrosine-protein kinase erbB-2'
2 polymer 'MF3958 FAB light chain'
3 polymer 'MF3958 FAB heavy chain'
4 branched alpha-D-mannopyranose-(1-3)-alpha-D-mannopyranose-(1-6)-[alpha-D-mannopyranose-(1-3)]beta-D-mannopyranose-(1-4)-2-acetamido-2-deoxy-beta-D-glucopyranose-(1-4)-2-acetamido-2-deoxy-beta-D-glucopyranose
5 branched 2-acetamido-2-deoxy-beta-D-glucopyranose-(1-4)-2-acetamido-2-deoxy-beta-D-glucopyranose
6 non-polymer 2-acetamido-2-deoxy-beta-D-glucopyranose
#
loop_
_entity_poly.entity_id
_entity_poly.type
_entity_poly.pdbx_seq_one_letter_code
_entity_poly.pdbx_strand_id
1 'polypeptide(L)'
;TQVCTGTDMKLRLPASPETHLDMLRHLYQGCQVVQGNLELTYLPTNASLSFLQDIQEVQGYVLIAHNQVRQVPLQRLRIV
RGTQLFEDNYALAVLDNGDPLNNTTPVTGASPGGLRELQLRSLTEILKGGVLIQRNPQLCYQDTILWKDIFHKNNQLALT
LIDTNRSRACHPCSPMCKGSRCWGESSEDCQSLTRTVCAGGCARCKGPLPTDCCHEQCAAGCTGPKHSDCLACLHFNHSG
ICELHCPALVTYNTDTFESMPNPEGRYTFGASCVTACPYNYLSTDVGSCTLVCPLHNQEVTAEDGTQRCEKCSKPCARVC
YGLGMEHLREVRAVTSANIQEFAGCKKIFGSLAFLPESFDGDPASNTAPLQPEQLQVFETLEEITGYLYISAWPDSLPDL
SVFQNLQVIRGRILHNGAYSLTLQGLGISWLGLRSLRELGSGLALIHHNTHLCFVHTVPWDQLFRNPHQALLHTANRPED
ECVGEGLACHQLCARGHCWGPGPTQCVNCSQFLRGQECVEECRVLQGLPREYVNARHCLPCHPECQPQNGSVTCFGPEAD
QCVACAHYKDPPFCVARCPSGVKPDLSYMPIWKFPDEEGACQPCPI
;
C
2 'polypeptide(L)'
;DIQMTQSPSSLSASVGDRVTITCRASQSISSYLNWYQQKPGKAPKLLIYAASSLQSGVPSRFSGSGSGTDFTLTISSLQP
EDFATYYCQQSYSTPPTFGQGTKVEIKRTVAAPSVFIFPPSDEQLKSGTASVVCLLNNFYPREAKVQWKVDNALQSGNSQ
ESVTEQDSKDSTYSLSSTLTLSKADYEKHKVYACEVTHQGLSSPVTKSFNRGEC
;
A
3 'polypeptide(L)'
;MGWSCIILFLVLLLAQPAMAQVQLVQSGAEVKKPGASVKLSCKASGYTFTAYYINWVRQAPGQGLEWIGRIYPGSGYTSY
AQKFQGRATLTADESTSTAYMELSSLRSEDTAVYFCARPPVYYDSAWFAYWGQGTLVTVSSASTKGPSVFPLAPSSKSTS
GGTAALGCLVKDYFPEPVTVSWNSGALTSGVHTFPAVLQSSGLYSLSSVVTVPSSSLGTQTYICNVNHKPSNTKVDKRVE
PKSCAAA
;
B
#
loop_
_chem_comp.id
_chem_comp.type
_chem_comp.name
_chem_comp.formula
BMA D-saccharide, beta linking beta-D-mannopyranose 'C6 H12 O6'
MAN D-saccharide, alpha linking alpha-D-mannopyranose 'C6 H12 O6'
NAG D-saccharide, beta linking 2-acetamido-2-deoxy-beta-D-glucopyranose 'C8 H15 N O6'
#
# COMPACT_ATOMS: atom_id res chain seq x y z
N THR A 1 -1.01 22.16 -27.44
CA THR A 1 -2.37 21.66 -27.67
C THR A 1 -2.89 20.90 -26.45
N GLN A 2 -4.15 20.50 -26.50
CA GLN A 2 -4.77 19.79 -25.39
C GLN A 2 -4.38 18.32 -25.36
N VAL A 3 -3.98 17.79 -26.51
CA VAL A 3 -3.63 16.38 -26.63
C VAL A 3 -2.14 16.19 -26.89
N CYS A 4 -1.49 15.39 -26.05
CA CYS A 4 -0.08 15.08 -26.22
C CYS A 4 0.13 13.57 -26.28
N THR A 5 1.31 13.17 -26.73
CA THR A 5 1.63 11.75 -26.83
C THR A 5 2.56 11.34 -25.69
N GLY A 6 2.28 10.20 -25.07
CA GLY A 6 3.05 9.74 -23.93
C GLY A 6 4.45 9.27 -24.30
N THR A 7 5.01 8.41 -23.45
CA THR A 7 6.33 7.84 -23.73
C THR A 7 6.26 6.33 -23.71
N ASP A 8 7.43 5.68 -23.73
CA ASP A 8 7.51 4.23 -23.79
C ASP A 8 8.89 3.75 -23.37
N MET A 9 9.47 4.43 -22.37
CA MET A 9 10.81 4.12 -21.90
C MET A 9 10.78 3.15 -20.71
N LYS A 10 9.60 3.02 -20.10
CA LYS A 10 9.41 2.16 -18.93
C LYS A 10 10.42 2.47 -17.82
N LEU A 11 11.02 1.42 -17.26
CA LEU A 11 11.95 1.57 -16.15
C LEU A 11 13.37 1.84 -16.62
N ARG A 12 13.57 1.89 -17.93
CA ARG A 12 14.90 2.10 -18.51
C ARG A 12 15.45 3.49 -18.22
N LEU A 13 16.63 3.53 -17.63
CA LEU A 13 17.30 4.77 -17.26
C LEU A 13 17.51 5.70 -18.44
N PRO A 14 17.24 7.01 -18.25
CA PRO A 14 17.39 8.02 -19.30
C PRO A 14 18.84 8.17 -19.75
N ALA A 15 19.07 8.16 -21.05
CA ALA A 15 20.40 8.32 -21.61
C ALA A 15 20.99 9.67 -21.23
N SER A 16 20.15 10.71 -21.27
CA SER A 16 20.57 12.05 -20.88
C SER A 16 19.73 12.53 -19.69
N PRO A 17 20.19 12.23 -18.47
CA PRO A 17 19.48 12.63 -17.25
C PRO A 17 19.47 14.15 -17.05
N GLU A 18 20.40 14.85 -17.69
CA GLU A 18 20.47 16.30 -17.59
C GLU A 18 19.34 16.96 -18.37
N THR A 19 18.74 16.21 -19.28
CA THR A 19 17.65 16.72 -20.11
C THR A 19 16.37 15.90 -19.93
N HIS A 20 16.42 14.93 -19.03
CA HIS A 20 15.29 14.05 -18.79
C HIS A 20 14.07 14.80 -18.26
N LEU A 21 14.32 15.79 -17.41
CA LEU A 21 13.25 16.59 -16.84
C LEU A 21 12.70 17.58 -17.86
N ASP A 22 13.59 18.09 -18.70
CA ASP A 22 13.19 19.05 -19.74
C ASP A 22 12.37 18.36 -20.83
N MET A 23 12.54 17.05 -20.96
CA MET A 23 11.72 16.26 -21.87
C MET A 23 10.28 16.25 -21.41
N LEU A 24 10.08 15.85 -20.16
CA LEU A 24 8.75 15.77 -19.56
C LEU A 24 8.05 17.12 -19.56
N ARG A 25 8.82 18.18 -19.41
CA ARG A 25 8.25 19.52 -19.38
C ARG A 25 7.76 19.94 -20.77
N HIS A 26 8.40 19.42 -21.81
CA HIS A 26 8.02 19.77 -23.18
C HIS A 26 6.86 18.93 -23.68
N LEU A 27 6.72 17.73 -23.14
CA LEU A 27 5.67 16.80 -23.59
C LEU A 27 4.31 17.10 -22.97
N TYR A 28 4.30 17.30 -21.65
CA TYR A 28 3.03 17.29 -20.91
C TYR A 28 2.53 18.67 -20.48
N GLN A 29 3.33 19.71 -20.67
CA GLN A 29 2.93 21.05 -20.24
C GLN A 29 1.73 21.54 -21.02
N GLY A 30 0.60 21.71 -20.33
CA GLY A 30 -0.63 22.15 -20.94
C GLY A 30 -1.45 20.98 -21.46
N CYS A 31 -0.80 19.82 -21.57
CA CYS A 31 -1.45 18.61 -22.06
C CYS A 31 -2.52 18.14 -21.08
N GLN A 32 -3.69 17.83 -21.61
CA GLN A 32 -4.82 17.35 -20.79
C GLN A 32 -5.09 15.88 -21.04
N VAL A 33 -4.96 15.46 -22.29
CA VAL A 33 -5.14 14.06 -22.65
C VAL A 33 -3.83 13.46 -23.15
N VAL A 34 -3.39 12.38 -22.50
CA VAL A 34 -2.15 11.72 -22.87
C VAL A 34 -2.42 10.49 -23.72
N GLN A 35 -2.14 10.59 -25.01
CA GLN A 35 -2.23 9.43 -25.90
C GLN A 35 -1.03 8.53 -25.69
N GLY A 36 -1.19 7.51 -24.85
CA GLY A 36 -0.09 6.63 -24.52
C GLY A 36 0.14 6.53 -23.03
N ASN A 37 1.38 6.24 -22.65
CA ASN A 37 1.71 6.02 -21.25
C ASN A 37 2.28 7.25 -20.57
N LEU A 38 1.83 7.50 -19.34
CA LEU A 38 2.40 8.55 -18.51
C LEU A 38 3.47 7.96 -17.60
N GLU A 39 4.72 8.03 -18.04
CA GLU A 39 5.82 7.42 -17.30
C GLU A 39 6.68 8.48 -16.61
N LEU A 40 6.61 8.51 -15.29
CA LEU A 40 7.41 9.43 -14.50
C LEU A 40 8.46 8.68 -13.71
N THR A 41 9.68 8.63 -14.24
CA THR A 41 10.75 7.86 -13.63
C THR A 41 12.04 8.65 -13.45
N TYR A 42 12.76 8.33 -12.38
CA TYR A 42 14.09 8.89 -12.11
C TYR A 42 14.09 10.42 -12.04
N LEU A 43 13.21 10.96 -11.21
CA LEU A 43 13.12 12.40 -11.02
C LEU A 43 13.62 12.81 -9.64
N PRO A 44 14.64 13.69 -9.62
CA PRO A 44 15.29 14.18 -8.39
C PRO A 44 14.31 14.83 -7.43
N THR A 45 14.71 15.00 -6.18
CA THR A 45 13.85 15.55 -5.15
C THR A 45 13.50 17.02 -5.41
N ASN A 46 14.39 17.72 -6.11
CA ASN A 46 14.18 19.15 -6.39
C ASN A 46 13.53 19.40 -7.74
N ALA A 47 12.68 18.47 -8.17
CA ALA A 47 12.04 18.58 -9.48
C ALA A 47 10.73 19.36 -9.42
N SER A 48 10.53 20.24 -10.39
CA SER A 48 9.28 20.96 -10.54
C SER A 48 8.38 20.23 -11.54
N LEU A 49 7.31 19.63 -11.05
CA LEU A 49 6.43 18.83 -11.91
C LEU A 49 5.12 19.54 -12.18
N SER A 50 5.13 20.87 -12.11
CA SER A 50 3.91 21.67 -12.24
C SER A 50 3.33 21.67 -13.65
N PHE A 51 3.91 20.88 -14.55
CA PHE A 51 3.38 20.76 -15.91
C PHE A 51 2.41 19.59 -16.02
N LEU A 52 2.36 18.77 -14.98
CA LEU A 52 1.48 17.61 -14.96
C LEU A 52 0.08 17.96 -14.47
N GLN A 53 -0.09 19.19 -14.01
CA GLN A 53 -1.30 19.61 -13.31
C GLN A 53 -2.54 19.68 -14.21
N ASP A 54 -2.35 19.63 -15.52
CA ASP A 54 -3.48 19.74 -16.45
C ASP A 54 -3.94 18.38 -16.96
N ILE A 55 -3.11 17.37 -16.80
CA ILE A 55 -3.41 16.02 -17.30
C ILE A 55 -4.68 15.46 -16.67
N GLN A 56 -5.70 15.26 -17.50
CA GLN A 56 -6.97 14.71 -17.05
C GLN A 56 -7.12 13.23 -17.40
N GLU A 57 -6.64 12.87 -18.57
CA GLU A 57 -6.83 11.52 -19.09
C GLU A 57 -5.51 10.89 -19.55
N VAL A 58 -5.32 9.62 -19.20
CA VAL A 58 -4.19 8.84 -19.69
C VAL A 58 -4.72 7.60 -20.40
N GLN A 59 -4.32 7.41 -21.66
CA GLN A 59 -4.83 6.32 -22.47
C GLN A 59 -4.19 4.98 -22.13
N GLY A 60 -2.87 4.99 -21.94
CA GLY A 60 -2.14 3.78 -21.59
C GLY A 60 -2.15 3.57 -20.09
N TYR A 61 -0.98 3.25 -19.53
CA TYR A 61 -0.86 3.09 -18.08
C TYR A 61 -0.17 4.30 -17.47
N VAL A 62 -0.07 4.30 -16.15
CA VAL A 62 0.64 5.34 -15.43
C VAL A 62 1.77 4.73 -14.61
N LEU A 63 3.01 5.07 -14.94
CA LEU A 63 4.16 4.55 -14.24
C LEU A 63 4.86 5.63 -13.44
N ILE A 64 4.83 5.49 -12.12
CA ILE A 64 5.56 6.38 -11.22
C ILE A 64 6.57 5.56 -10.45
N ALA A 65 7.80 5.53 -10.94
CA ALA A 65 8.81 4.66 -10.36
C ALA A 65 10.17 5.32 -10.20
N HIS A 66 10.88 4.94 -9.14
CA HIS A 66 12.25 5.39 -8.88
C HIS A 66 12.38 6.91 -8.81
N ASN A 67 11.49 7.55 -8.07
CA ASN A 67 11.51 9.01 -7.94
C ASN A 67 11.89 9.46 -6.54
N GLN A 68 12.53 10.63 -6.45
CA GLN A 68 12.89 11.21 -5.16
C GLN A 68 11.91 12.32 -4.77
N VAL A 69 11.02 12.66 -5.70
CA VAL A 69 10.03 13.69 -5.45
C VAL A 69 9.09 13.28 -4.31
N ARG A 70 8.64 14.26 -3.54
CA ARG A 70 7.69 14.01 -2.48
C ARG A 70 6.26 14.21 -2.97
N GLN A 71 6.13 14.93 -4.07
CA GLN A 71 4.81 15.26 -4.60
C GLN A 71 4.76 15.15 -6.13
N VAL A 72 3.73 14.44 -6.61
CA VAL A 72 3.46 14.37 -8.05
C VAL A 72 2.07 14.93 -8.32
N PRO A 73 1.99 16.18 -8.80
CA PRO A 73 0.72 16.89 -9.03
C PRO A 73 -0.13 16.27 -10.12
N LEU A 74 -0.97 15.31 -9.75
CA LEU A 74 -1.89 14.68 -10.68
C LEU A 74 -3.31 14.71 -10.10
N GLN A 75 -3.70 15.86 -9.59
CA GLN A 75 -5.00 16.02 -8.94
C GLN A 75 -6.15 16.06 -9.94
N ARG A 76 -5.84 16.33 -11.20
CA ARG A 76 -6.87 16.44 -12.22
C ARG A 76 -7.01 15.17 -13.06
N LEU A 77 -6.12 14.22 -12.83
CA LEU A 77 -6.17 12.93 -13.53
C LEU A 77 -7.50 12.25 -13.26
N ARG A 78 -8.37 12.26 -14.26
CA ARG A 78 -9.75 11.80 -14.09
C ARG A 78 -9.93 10.33 -14.41
N ILE A 79 -9.23 9.85 -15.44
CA ILE A 79 -9.46 8.50 -15.94
C ILE A 79 -8.21 7.90 -16.59
N VAL A 80 -7.95 6.63 -16.31
CA VAL A 80 -6.89 5.88 -16.98
C VAL A 80 -7.51 4.74 -17.77
N ARG A 81 -7.46 4.85 -19.10
CA ARG A 81 -8.12 3.88 -19.97
C ARG A 81 -7.41 2.53 -19.99
N GLY A 82 -6.08 2.56 -19.83
CA GLY A 82 -5.29 1.36 -19.73
C GLY A 82 -5.31 0.50 -20.98
N THR A 83 -5.27 1.14 -22.14
CA THR A 83 -5.21 0.41 -23.41
C THR A 83 -3.90 -0.34 -23.49
N GLN A 84 -2.86 0.23 -22.88
CA GLN A 84 -1.61 -0.46 -22.66
C GLN A 84 -1.46 -0.71 -21.17
N LEU A 85 -0.78 -1.78 -20.79
CA LEU A 85 -0.62 -2.12 -19.38
C LEU A 85 0.82 -2.41 -19.02
N PHE A 86 1.31 -1.77 -17.95
CA PHE A 86 2.64 -2.07 -17.42
C PHE A 86 2.69 -3.53 -16.99
N GLU A 87 3.63 -4.28 -17.56
CA GLU A 87 3.72 -5.72 -17.35
C GLU A 87 2.40 -6.41 -17.67
N ASP A 88 1.69 -5.84 -18.61
CA ASP A 88 0.47 -6.40 -19.10
C ASP A 88 -0.68 -6.62 -18.13
N ASN A 89 -0.56 -6.12 -16.91
CA ASN A 89 -1.67 -6.24 -15.99
C ASN A 89 -1.99 -5.00 -15.25
N TYR A 90 -1.08 -4.06 -15.19
CA TYR A 90 -1.31 -2.89 -14.34
C TYR A 90 -1.53 -1.58 -15.09
N ALA A 91 -2.59 -0.88 -14.73
CA ALA A 91 -2.90 0.42 -15.33
C ALA A 91 -2.26 1.55 -14.51
N LEU A 92 -1.82 1.20 -13.31
CA LEU A 92 -1.18 2.16 -12.42
C LEU A 92 -0.10 1.49 -11.58
N ALA A 93 1.16 1.79 -11.89
CA ALA A 93 2.27 1.20 -11.16
C ALA A 93 3.05 2.27 -10.40
N VAL A 94 3.14 2.09 -9.07
CA VAL A 94 3.90 2.99 -8.22
C VAL A 94 4.98 2.20 -7.50
N LEU A 95 6.20 2.26 -8.02
CA LEU A 95 7.27 1.37 -7.55
C LEU A 95 8.54 2.11 -7.14
N ASP A 96 9.15 1.63 -6.06
CA ASP A 96 10.49 2.07 -5.66
C ASP A 96 10.66 3.57 -5.54
N ASN A 97 9.71 4.24 -4.90
CA ASN A 97 9.80 5.69 -4.75
C ASN A 97 10.39 6.07 -3.40
N GLY A 98 11.70 6.34 -3.39
CA GLY A 98 12.41 6.70 -2.18
C GLY A 98 13.90 6.79 -2.46
N ASP A 99 14.70 6.68 -1.40
CA ASP A 99 16.15 6.71 -1.56
C ASP A 99 16.81 5.63 -0.70
N PRO A 112 13.68 13.96 3.97
CA PRO A 112 13.83 12.64 3.34
C PRO A 112 13.02 12.51 2.06
N GLY A 113 13.65 12.02 0.99
CA GLY A 113 12.97 11.85 -0.28
C GLY A 113 11.98 10.70 -0.26
N GLY A 114 11.09 10.69 -1.24
CA GLY A 114 10.09 9.63 -1.33
C GLY A 114 8.69 10.17 -1.47
N LEU A 115 7.87 9.49 -2.26
CA LEU A 115 6.49 9.90 -2.49
C LEU A 115 5.69 9.77 -1.20
N ARG A 116 5.04 10.85 -0.79
CA ARG A 116 4.32 10.88 0.48
C ARG A 116 2.83 10.61 0.30
N GLU A 117 2.21 11.25 -0.69
CA GLU A 117 0.80 11.09 -0.97
C GLU A 117 0.54 11.02 -2.48
N LEU A 118 -0.32 10.09 -2.89
CA LEU A 118 -0.65 9.95 -4.30
C LEU A 118 -1.47 11.13 -4.79
N GLN A 119 -2.41 11.58 -3.96
CA GLN A 119 -3.24 12.75 -4.24
C GLN A 119 -3.95 12.67 -5.59
N LEU A 120 -4.40 11.48 -5.96
CA LEU A 120 -5.19 11.28 -7.17
C LEU A 120 -6.67 11.47 -6.85
N ARG A 121 -7.05 12.68 -6.44
CA ARG A 121 -8.40 12.92 -5.95
C ARG A 121 -9.45 13.01 -7.06
N SER A 122 -9.03 12.92 -8.31
CA SER A 122 -9.98 12.91 -9.42
C SER A 122 -10.06 11.54 -10.09
N LEU A 123 -9.07 10.69 -9.81
CA LEU A 123 -9.04 9.36 -10.39
C LEU A 123 -10.20 8.50 -9.89
N THR A 124 -11.25 8.42 -10.69
CA THR A 124 -12.45 7.68 -10.31
C THR A 124 -12.78 6.60 -11.36
N GLU A 125 -11.90 6.43 -12.33
CA GLU A 125 -12.15 5.47 -13.41
C GLU A 125 -10.87 4.83 -13.93
N ILE A 126 -10.84 3.50 -13.89
CA ILE A 126 -9.79 2.72 -14.54
C ILE A 126 -10.47 1.63 -15.38
N LEU A 127 -10.48 1.83 -16.69
CA LEU A 127 -11.24 0.98 -17.61
C LEU A 127 -10.65 -0.43 -17.72
N LYS A 128 -9.34 -0.52 -17.85
CA LYS A 128 -8.65 -1.80 -17.94
C LYS A 128 -7.35 -1.78 -17.15
N GLY A 129 -7.08 -2.87 -16.43
CA GLY A 129 -5.83 -3.00 -15.70
C GLY A 129 -5.97 -2.89 -14.20
N GLY A 130 -4.93 -3.32 -13.49
CA GLY A 130 -4.93 -3.30 -12.04
C GLY A 130 -4.02 -2.22 -11.47
N VAL A 131 -3.78 -2.28 -10.17
CA VAL A 131 -2.96 -1.29 -9.48
C VAL A 131 -1.80 -1.94 -8.74
N LEU A 132 -0.58 -1.52 -9.06
CA LEU A 132 0.62 -2.05 -8.43
C LEU A 132 1.36 -0.99 -7.64
N ILE A 133 1.33 -1.08 -6.32
CA ILE A 133 2.00 -0.13 -5.45
C ILE A 133 2.91 -0.85 -4.47
N GLN A 134 4.21 -0.80 -4.72
CA GLN A 134 5.16 -1.52 -3.88
C GLN A 134 6.48 -0.77 -3.65
N ARG A 135 7.07 -1.01 -2.49
CA ARG A 135 8.35 -0.40 -2.10
C ARG A 135 8.31 1.12 -2.12
N ASN A 136 7.36 1.69 -1.39
CA ASN A 136 7.28 3.13 -1.20
C ASN A 136 7.33 3.46 0.29
N PRO A 137 8.54 3.74 0.81
CA PRO A 137 8.77 3.88 2.26
C PRO A 137 8.12 5.10 2.89
N GLN A 138 7.65 6.05 2.07
CA GLN A 138 7.09 7.29 2.61
C GLN A 138 5.62 7.47 2.25
N LEU A 139 5.08 6.56 1.46
CA LEU A 139 3.73 6.69 0.94
C LEU A 139 2.66 6.33 1.96
N CYS A 140 1.62 7.16 2.05
CA CYS A 140 0.51 6.91 2.96
C CYS A 140 -0.83 6.92 2.22
N TYR A 141 -1.88 6.50 2.92
CA TYR A 141 -3.25 6.55 2.41
C TYR A 141 -3.48 5.65 1.21
N GLN A 142 -2.53 4.77 0.94
CA GLN A 142 -2.63 3.81 -0.15
C GLN A 142 -3.62 2.70 0.19
N ASP A 143 -3.67 2.33 1.46
CA ASP A 143 -4.53 1.25 1.93
C ASP A 143 -5.82 1.78 2.51
N THR A 144 -6.07 3.08 2.32
CA THR A 144 -7.27 3.71 2.82
C THR A 144 -8.30 3.90 1.70
N ILE A 145 -7.96 3.39 0.53
CA ILE A 145 -8.77 3.62 -0.67
C ILE A 145 -9.51 2.38 -1.13
N LEU A 146 -10.81 2.52 -1.36
CA LEU A 146 -11.62 1.45 -1.91
C LEU A 146 -11.40 1.35 -3.41
N TRP A 147 -10.36 0.63 -3.81
CA TRP A 147 -9.96 0.55 -5.21
C TRP A 147 -11.01 -0.15 -6.08
N LYS A 148 -11.86 -0.96 -5.46
CA LYS A 148 -12.90 -1.68 -6.18
C LYS A 148 -13.92 -0.73 -6.80
N ASP A 149 -13.93 0.51 -6.32
CA ASP A 149 -14.85 1.53 -6.82
C ASP A 149 -14.27 2.24 -8.03
N ILE A 150 -12.94 2.32 -8.09
CA ILE A 150 -12.26 3.00 -9.19
C ILE A 150 -12.27 2.13 -10.44
N PHE A 151 -12.07 0.82 -10.24
CA PHE A 151 -12.12 -0.14 -11.34
C PHE A 151 -13.49 -0.14 -12.01
N HIS A 152 -13.51 -0.33 -13.32
CA HIS A 152 -14.76 -0.33 -14.08
C HIS A 152 -15.55 -1.61 -13.80
N LYS A 153 -16.83 -1.58 -14.15
CA LYS A 153 -17.71 -2.73 -13.98
C LYS A 153 -17.23 -3.91 -14.83
N ASN A 154 -16.65 -3.59 -15.98
CA ASN A 154 -16.08 -4.60 -16.86
C ASN A 154 -14.64 -4.92 -16.49
N ASN A 155 -14.20 -4.38 -15.36
CA ASN A 155 -12.86 -4.59 -14.87
C ASN A 155 -12.86 -4.88 -13.36
N GLN A 156 -13.92 -5.53 -12.90
CA GLN A 156 -14.07 -5.83 -11.48
C GLN A 156 -13.17 -6.98 -11.05
N LEU A 157 -12.51 -7.62 -12.02
CA LEU A 157 -11.58 -8.69 -11.75
C LEU A 157 -10.14 -8.19 -11.87
N ALA A 158 -9.98 -6.87 -11.76
CA ALA A 158 -8.66 -6.25 -11.84
C ALA A 158 -7.86 -6.49 -10.57
N LEU A 159 -6.60 -6.88 -10.72
CA LEU A 159 -5.75 -7.20 -9.60
C LEU A 159 -5.40 -5.96 -8.76
N THR A 160 -4.89 -6.21 -7.56
CA THR A 160 -4.48 -5.15 -6.65
C THR A 160 -3.34 -5.65 -5.78
N LEU A 161 -2.12 -5.27 -6.15
CA LEU A 161 -0.94 -5.65 -5.37
C LEU A 161 -0.35 -4.42 -4.68
N ILE A 162 -0.78 -4.18 -3.45
CA ILE A 162 -0.39 -2.97 -2.73
C ILE A 162 0.39 -3.26 -1.45
N ASP A 163 1.55 -2.63 -1.34
CA ASP A 163 2.44 -2.81 -0.20
C ASP A 163 2.40 -1.61 0.74
N THR A 164 2.15 -1.87 2.03
CA THR A 164 2.12 -0.80 3.02
C THR A 164 3.37 -0.79 3.88
N ASN A 165 4.47 -1.28 3.32
CA ASN A 165 5.76 -1.28 4.00
C ASN A 165 6.29 0.13 4.18
N ARG A 166 5.90 0.77 5.29
CA ARG A 166 6.22 2.17 5.52
C ARG A 166 7.37 2.38 6.49
N SER A 167 8.08 3.49 6.33
CA SER A 167 9.14 3.88 7.25
C SER A 167 8.78 5.19 7.94
N ARG A 168 7.48 5.48 8.00
CA ARG A 168 6.99 6.66 8.69
C ARG A 168 5.53 6.45 9.11
N ALA A 169 5.11 7.18 10.14
CA ALA A 169 3.74 7.10 10.61
C ALA A 169 2.84 8.03 9.81
N CYS A 170 1.56 7.71 9.72
CA CYS A 170 0.64 8.48 8.89
C CYS A 170 -0.56 9.00 9.68
N HIS A 171 -0.79 10.31 9.60
CA HIS A 171 -1.98 10.92 10.19
C HIS A 171 -3.23 10.36 9.52
N PRO A 172 -4.34 10.29 10.26
CA PRO A 172 -5.62 9.84 9.69
C PRO A 172 -6.15 10.81 8.63
N CYS A 173 -7.23 10.42 7.97
CA CYS A 173 -7.88 11.30 6.99
C CYS A 173 -8.49 12.51 7.70
N SER A 174 -8.71 13.58 6.93
CA SER A 174 -9.40 14.75 7.45
C SER A 174 -10.83 14.37 7.80
N PRO A 175 -11.37 14.95 8.88
CA PRO A 175 -12.74 14.66 9.36
C PRO A 175 -13.83 14.79 8.30
N MET A 176 -13.53 15.44 7.17
CA MET A 176 -14.50 15.60 6.10
C MET A 176 -14.71 14.30 5.33
N CYS A 177 -13.66 13.50 5.21
CA CYS A 177 -13.74 12.24 4.49
C CYS A 177 -14.71 11.26 5.16
N LYS A 178 -15.90 11.14 4.60
CA LYS A 178 -16.89 10.19 5.10
C LYS A 178 -16.53 8.77 4.71
N GLY A 179 -16.14 7.96 5.69
CA GLY A 179 -15.70 6.61 5.44
C GLY A 179 -14.20 6.50 5.56
N SER A 180 -13.55 7.64 5.73
CA SER A 180 -12.10 7.73 5.90
C SER A 180 -11.35 7.15 4.71
N ARG A 181 -11.79 7.50 3.51
CA ARG A 181 -11.12 7.09 2.28
C ARG A 181 -10.52 8.31 1.59
N CYS A 182 -9.19 8.41 1.59
CA CYS A 182 -8.55 9.63 1.11
C CYS A 182 -7.30 9.37 0.26
N TRP A 183 -6.86 10.42 -0.43
CA TRP A 183 -5.62 10.37 -1.20
C TRP A 183 -4.54 11.20 -0.52
N GLY A 184 -4.82 11.64 0.69
CA GLY A 184 -3.90 12.48 1.43
C GLY A 184 -4.49 12.96 2.75
N GLU A 185 -3.83 13.94 3.37
CA GLU A 185 -4.22 14.42 4.68
C GLU A 185 -5.16 15.62 4.62
N SER A 186 -5.32 16.20 3.44
CA SER A 186 -6.16 17.39 3.29
C SER A 186 -7.63 17.01 3.18
N SER A 187 -8.49 18.02 3.19
CA SER A 187 -9.94 17.81 3.08
C SER A 187 -10.35 17.58 1.65
N GLU A 188 -9.50 18.00 0.71
CA GLU A 188 -9.78 17.85 -0.71
C GLU A 188 -9.32 16.49 -1.22
N ASP A 189 -8.57 15.76 -0.38
CA ASP A 189 -8.04 14.47 -0.77
C ASP A 189 -9.02 13.32 -0.55
N CYS A 190 -10.26 13.65 -0.19
CA CYS A 190 -11.27 12.62 0.07
C CYS A 190 -11.66 11.89 -1.20
N GLN A 191 -11.79 10.56 -1.11
CA GLN A 191 -12.17 9.75 -2.26
C GLN A 191 -13.67 9.77 -2.50
N SER A 192 -14.07 10.23 -3.68
CA SER A 192 -15.48 10.30 -4.04
C SER A 192 -15.92 9.05 -4.78
N LEU A 193 -16.72 8.22 -4.12
CA LEU A 193 -17.23 6.99 -4.72
C LEU A 193 -18.20 7.29 -5.85
N THR A 194 -18.10 6.52 -6.93
CA THR A 194 -18.94 6.73 -8.11
C THR A 194 -19.44 5.42 -8.71
N ARG A 195 -19.25 4.32 -7.96
CA ARG A 195 -19.68 3.02 -8.45
C ARG A 195 -20.36 2.17 -7.38
N THR A 196 -19.73 2.06 -6.22
CA THR A 196 -20.21 1.19 -5.16
C THR A 196 -21.45 1.71 -4.45
N VAL A 197 -21.77 2.98 -4.67
CA VAL A 197 -22.92 3.61 -4.02
C VAL A 197 -24.08 3.84 -4.98
N CYS A 198 -23.90 3.43 -6.23
CA CYS A 198 -24.91 3.65 -7.26
C CYS A 198 -26.16 2.80 -7.05
N ALA A 199 -27.32 3.38 -7.34
CA ALA A 199 -28.59 2.69 -7.20
C ALA A 199 -28.93 1.93 -8.47
N GLY A 200 -29.66 0.82 -8.32
CA GLY A 200 -30.02 -0.01 -9.45
C GLY A 200 -28.83 -0.77 -10.00
N GLY A 201 -28.58 -0.61 -11.29
CA GLY A 201 -27.45 -1.27 -11.93
C GLY A 201 -26.49 -0.29 -12.58
N CYS A 202 -26.56 0.97 -12.13
CA CYS A 202 -25.72 2.02 -12.68
C CYS A 202 -24.24 1.71 -12.58
N ALA A 203 -23.53 1.86 -13.69
CA ALA A 203 -22.08 1.68 -13.71
C ALA A 203 -21.42 2.88 -13.03
N ARG A 204 -21.93 4.07 -13.31
CA ARG A 204 -21.42 5.29 -12.69
C ARG A 204 -22.56 6.20 -12.23
N CYS A 205 -22.34 6.92 -11.14
CA CYS A 205 -23.36 7.79 -10.58
C CYS A 205 -22.74 8.96 -9.81
N LYS A 206 -23.58 9.92 -9.44
CA LYS A 206 -23.14 11.07 -8.66
C LYS A 206 -23.72 11.02 -7.25
N GLY A 207 -24.46 9.96 -6.97
CA GLY A 207 -25.09 9.79 -5.66
C GLY A 207 -25.80 8.45 -5.53
N PRO A 208 -26.39 8.20 -4.35
CA PRO A 208 -27.07 6.93 -4.05
C PRO A 208 -28.48 6.84 -4.64
N LEU A 209 -28.93 7.89 -5.29
CA LEU A 209 -30.27 7.93 -5.86
C LEU A 209 -30.26 7.50 -7.33
N PRO A 210 -31.39 6.91 -7.79
CA PRO A 210 -31.52 6.51 -9.20
C PRO A 210 -31.53 7.71 -10.13
N THR A 211 -31.90 8.88 -9.60
CA THR A 211 -31.87 10.11 -10.37
C THR A 211 -30.43 10.62 -10.47
N ASP A 212 -29.58 10.13 -9.59
CA ASP A 212 -28.16 10.50 -9.58
C ASP A 212 -27.35 9.61 -10.52
N CYS A 213 -28.00 8.61 -11.10
CA CYS A 213 -27.33 7.71 -12.04
C CYS A 213 -26.91 8.47 -13.29
N CYS A 214 -25.73 8.12 -13.80
CA CYS A 214 -25.17 8.80 -14.97
C CYS A 214 -25.41 7.99 -16.24
N HIS A 215 -25.26 8.64 -17.39
CA HIS A 215 -25.49 8.01 -18.68
C HIS A 215 -24.52 6.83 -18.90
N GLU A 216 -24.93 5.89 -19.74
CA GLU A 216 -24.14 4.69 -20.00
C GLU A 216 -22.83 5.02 -20.70
N GLN A 217 -22.83 6.11 -21.47
CA GLN A 217 -21.66 6.50 -22.25
C GLN A 217 -20.65 7.31 -21.44
N CYS A 218 -21.04 7.68 -20.23
CA CYS A 218 -20.12 8.36 -19.33
C CYS A 218 -19.10 7.37 -18.77
N ALA A 219 -17.95 7.89 -18.35
CA ALA A 219 -16.86 7.03 -17.89
C ALA A 219 -16.51 7.29 -16.43
N ALA A 220 -15.83 8.42 -16.18
CA ALA A 220 -15.37 8.73 -14.84
C ALA A 220 -16.51 8.99 -13.87
N GLY A 221 -17.46 9.82 -14.29
CA GLY A 221 -18.60 10.17 -13.48
C GLY A 221 -19.51 11.10 -14.23
N CYS A 222 -20.51 11.64 -13.53
CA CYS A 222 -21.51 12.50 -14.18
C CYS A 222 -21.80 13.74 -13.37
N THR A 223 -22.43 14.72 -14.02
CA THR A 223 -22.95 15.90 -13.34
C THR A 223 -24.44 15.96 -13.57
N GLY A 224 -24.94 15.01 -14.37
CA GLY A 224 -26.35 14.93 -14.69
C GLY A 224 -26.66 13.67 -15.48
N PRO A 225 -27.96 13.41 -15.71
CA PRO A 225 -28.43 12.20 -16.41
C PRO A 225 -28.10 12.22 -17.90
N LYS A 226 -27.84 13.40 -18.45
CA LYS A 226 -27.53 13.54 -19.87
C LYS A 226 -26.24 12.84 -20.25
N HIS A 227 -26.04 12.61 -21.54
CA HIS A 227 -24.79 12.07 -22.04
C HIS A 227 -23.87 13.22 -22.46
N SER A 228 -24.20 14.41 -21.97
CA SER A 228 -23.35 15.58 -22.16
C SER A 228 -22.93 16.13 -20.81
N ASP A 229 -23.22 15.37 -19.76
CA ASP A 229 -22.88 15.76 -18.40
C ASP A 229 -21.79 14.86 -17.83
N CYS A 230 -21.03 14.22 -18.71
CA CYS A 230 -20.02 13.25 -18.28
C CYS A 230 -18.74 13.93 -17.84
N LEU A 231 -17.98 13.26 -16.97
CA LEU A 231 -16.66 13.73 -16.59
C LEU A 231 -15.63 13.18 -17.56
N ALA A 232 -15.96 12.03 -18.15
CA ALA A 232 -15.12 11.41 -19.16
C ALA A 232 -15.98 10.53 -20.06
N CYS A 233 -15.51 10.27 -21.27
CA CYS A 233 -16.27 9.45 -22.21
C CYS A 233 -15.80 8.00 -22.19
N LEU A 234 -16.75 7.08 -22.21
CA LEU A 234 -16.45 5.65 -22.22
C LEU A 234 -15.83 5.24 -23.55
N HIS A 235 -16.25 5.87 -24.63
CA HIS A 235 -15.75 5.54 -25.96
C HIS A 235 -15.27 6.76 -26.73
N PHE A 236 -16.20 7.57 -27.23
CA PHE A 236 -15.81 8.73 -28.05
C PHE A 236 -16.53 10.01 -27.63
N ASN A 237 -15.80 11.12 -27.66
CA ASN A 237 -16.37 12.42 -27.37
C ASN A 237 -16.69 13.18 -28.66
N HIS A 238 -17.99 13.30 -28.95
CA HIS A 238 -18.43 13.98 -30.16
C HIS A 238 -18.84 15.41 -29.85
N SER A 239 -17.84 16.28 -29.68
CA SER A 239 -18.07 17.69 -29.41
C SER A 239 -18.96 17.92 -28.19
N GLY A 240 -18.51 17.43 -27.04
CA GLY A 240 -19.26 17.59 -25.80
C GLY A 240 -20.30 16.51 -25.60
N ILE A 241 -20.34 15.55 -26.52
CA ILE A 241 -21.31 14.47 -26.47
C ILE A 241 -20.61 13.11 -26.48
N CYS A 242 -20.91 12.29 -25.48
CA CYS A 242 -20.34 10.95 -25.40
C CYS A 242 -21.16 9.95 -26.21
N GLU A 243 -20.51 9.30 -27.17
CA GLU A 243 -21.19 8.36 -28.05
C GLU A 243 -20.40 7.07 -28.23
N LEU A 244 -21.09 6.02 -28.66
CA LEU A 244 -20.48 4.72 -28.90
C LEU A 244 -19.58 4.76 -30.13
N HIS A 245 -20.03 5.46 -31.16
CA HIS A 245 -19.29 5.59 -32.40
C HIS A 245 -19.32 7.02 -32.94
N CYS A 246 -18.34 7.37 -33.74
CA CYS A 246 -18.35 8.64 -34.44
C CYS A 246 -19.25 8.54 -35.66
N PRO A 247 -19.90 9.65 -36.03
CA PRO A 247 -20.73 9.68 -37.25
C PRO A 247 -19.92 9.29 -38.48
N ALA A 248 -20.38 8.27 -39.20
CA ALA A 248 -19.66 7.77 -40.37
C ALA A 248 -19.48 8.85 -41.42
N LEU A 249 -18.39 8.76 -42.17
CA LEU A 249 -18.08 9.73 -43.22
C LEU A 249 -18.96 9.52 -44.44
N VAL A 250 -19.72 8.44 -44.43
CA VAL A 250 -20.52 8.05 -45.59
C VAL A 250 -21.99 7.82 -45.21
N THR A 251 -22.89 8.37 -46.01
CA THR A 251 -24.32 8.14 -45.83
C THR A 251 -24.88 7.38 -47.03
N TYR A 252 -25.64 6.32 -46.76
CA TYR A 252 -26.27 5.55 -47.83
C TYR A 252 -27.73 5.91 -47.95
N ASN A 253 -28.13 6.39 -49.13
CA ASN A 253 -29.54 6.63 -49.39
C ASN A 253 -30.29 5.30 -49.44
N THR A 254 -31.40 5.22 -48.72
CA THR A 254 -32.10 3.95 -48.54
C THR A 254 -32.66 3.38 -49.85
N ASP A 255 -32.56 4.15 -50.93
CA ASP A 255 -32.87 3.67 -52.26
C ASP A 255 -31.57 3.48 -53.04
N THR A 256 -31.35 2.27 -53.54
CA THR A 256 -30.15 1.89 -54.32
C THR A 256 -28.85 1.87 -53.51
N PHE A 257 -28.90 2.44 -52.31
CA PHE A 257 -27.77 2.43 -51.37
C PHE A 257 -26.46 2.98 -51.95
N GLU A 258 -26.57 4.06 -52.71
CA GLU A 258 -25.40 4.77 -53.20
C GLU A 258 -24.75 5.54 -52.06
N SER A 259 -23.43 5.52 -52.00
CA SER A 259 -22.71 6.18 -50.91
C SER A 259 -22.51 7.68 -51.20
N MET A 260 -23.11 8.52 -50.35
CA MET A 260 -22.93 9.95 -50.44
C MET A 260 -22.22 10.47 -49.19
N PRO A 261 -21.34 11.47 -49.34
CA PRO A 261 -20.54 11.99 -48.22
C PRO A 261 -21.39 12.62 -47.13
N ASN A 262 -21.03 12.36 -45.87
CA ASN A 262 -21.77 12.86 -44.72
C ASN A 262 -21.16 14.14 -44.16
N PRO A 263 -21.93 15.23 -44.16
CA PRO A 263 -21.48 16.52 -43.65
C PRO A 263 -21.21 16.51 -42.15
N GLU A 264 -21.87 15.62 -41.42
CA GLU A 264 -21.66 15.49 -39.99
C GLU A 264 -20.65 14.40 -39.66
N GLY A 265 -20.08 13.81 -40.70
CA GLY A 265 -19.12 12.74 -40.55
C GLY A 265 -17.87 13.13 -39.79
N ARG A 266 -17.34 12.21 -39.01
CA ARG A 266 -16.18 12.47 -38.15
C ARG A 266 -15.16 11.35 -38.18
N TYR A 267 -13.89 11.72 -38.03
CA TYR A 267 -12.82 10.74 -37.91
C TYR A 267 -12.60 10.39 -36.44
N THR A 268 -12.31 9.12 -36.16
CA THR A 268 -11.99 8.72 -34.80
C THR A 268 -10.52 8.94 -34.50
N PHE A 269 -10.23 9.90 -33.61
CA PHE A 269 -8.86 10.17 -33.20
C PHE A 269 -8.73 10.02 -31.69
N GLY A 270 -8.25 8.85 -31.27
CA GLY A 270 -8.18 8.53 -29.85
C GLY A 270 -9.55 8.21 -29.32
N ALA A 271 -9.96 8.94 -28.28
CA ALA A 271 -11.30 8.78 -27.72
C ALA A 271 -12.14 10.02 -28.01
N SER A 272 -11.95 10.59 -29.19
CA SER A 272 -12.68 11.79 -29.59
C SER A 272 -12.97 11.77 -31.09
N CYS A 273 -14.01 12.52 -31.48
CA CYS A 273 -14.38 12.62 -32.89
C CYS A 273 -13.90 13.93 -33.48
N VAL A 274 -13.10 13.84 -34.54
CA VAL A 274 -12.54 15.03 -35.17
C VAL A 274 -13.06 15.23 -36.59
N THR A 275 -13.12 16.48 -37.04
CA THR A 275 -13.58 16.80 -38.37
C THR A 275 -12.48 16.56 -39.41
N ALA A 276 -11.23 16.59 -38.93
CA ALA A 276 -10.08 16.35 -39.79
C ALA A 276 -8.91 15.85 -38.95
N CYS A 277 -8.20 14.85 -39.45
CA CYS A 277 -7.07 14.27 -38.73
C CYS A 277 -5.96 15.28 -38.50
N PRO A 278 -5.41 15.29 -37.28
CA PRO A 278 -4.32 16.20 -36.90
C PRO A 278 -3.07 15.97 -37.75
N TYR A 279 -2.11 16.88 -37.65
CA TYR A 279 -0.89 16.83 -38.45
C TYR A 279 -0.13 15.52 -38.24
N ASN A 280 0.54 15.07 -39.30
CA ASN A 280 1.36 13.85 -39.30
C ASN A 280 0.55 12.56 -39.10
N TYR A 281 -0.77 12.68 -39.09
CA TYR A 281 -1.63 11.49 -39.00
C TYR A 281 -2.25 11.17 -40.35
N LEU A 282 -2.63 9.91 -40.54
CA LEU A 282 -3.23 9.48 -41.79
C LEU A 282 -4.73 9.21 -41.63
N SER A 283 -5.48 9.42 -42.71
CA SER A 283 -6.91 9.16 -42.71
C SER A 283 -7.21 7.88 -43.49
N THR A 284 -7.98 6.99 -42.88
CA THR A 284 -8.31 5.71 -43.53
C THR A 284 -9.71 5.74 -44.12
N ASP A 285 -10.04 4.71 -44.90
CA ASP A 285 -11.36 4.61 -45.52
C ASP A 285 -12.42 4.25 -44.49
N VAL A 286 -12.00 3.56 -43.44
CA VAL A 286 -12.90 3.17 -42.36
C VAL A 286 -13.40 4.41 -41.62
N GLY A 287 -12.55 5.43 -41.53
CA GLY A 287 -12.90 6.67 -40.87
C GLY A 287 -12.16 6.85 -39.56
N SER A 288 -10.86 6.63 -39.59
CA SER A 288 -10.04 6.71 -38.39
C SER A 288 -8.71 7.42 -38.65
N CYS A 289 -8.05 7.80 -37.57
CA CYS A 289 -6.73 8.41 -37.66
C CYS A 289 -5.68 7.45 -37.13
N THR A 290 -4.76 7.04 -38.00
CA THR A 290 -3.69 6.12 -37.61
C THR A 290 -2.32 6.66 -37.97
N LEU A 291 -1.29 6.03 -37.43
CA LEU A 291 0.10 6.36 -37.78
C LEU A 291 0.65 5.30 -38.73
N VAL A 292 -0.08 4.19 -38.85
CA VAL A 292 0.31 3.10 -39.72
C VAL A 292 -0.89 2.60 -40.53
N CYS A 293 -0.72 2.54 -41.84
CA CYS A 293 -1.78 2.06 -42.73
C CYS A 293 -2.11 0.58 -42.47
N PRO A 294 -3.37 0.19 -42.69
CA PRO A 294 -3.76 -1.22 -42.58
C PRO A 294 -3.11 -2.07 -43.67
N LEU A 295 -3.26 -3.39 -43.58
CA LEU A 295 -2.59 -4.30 -44.50
C LEU A 295 -3.02 -4.08 -45.94
N HIS A 296 -2.05 -4.18 -46.86
CA HIS A 296 -2.28 -3.99 -48.29
C HIS A 296 -2.84 -2.60 -48.63
N ASN A 297 -2.26 -1.56 -48.02
CA ASN A 297 -2.63 -0.19 -48.33
C ASN A 297 -1.43 0.66 -48.73
N GLN A 298 -1.70 1.77 -49.40
CA GLN A 298 -0.64 2.70 -49.79
C GLN A 298 -1.00 4.12 -49.35
N GLU A 299 0.03 4.93 -49.11
CA GLU A 299 -0.17 6.29 -48.62
C GLU A 299 -0.25 7.30 -49.76
N VAL A 300 -1.47 7.71 -50.10
CA VAL A 300 -1.68 8.69 -51.14
C VAL A 300 -1.58 10.12 -50.59
N THR A 301 -0.55 10.83 -51.00
CA THR A 301 -0.33 12.20 -50.53
C THR A 301 -1.02 13.21 -51.44
N ALA A 302 -1.97 13.94 -50.89
CA ALA A 302 -2.68 14.97 -51.65
C ALA A 302 -1.75 16.16 -51.92
N GLU A 303 -2.21 17.10 -52.74
CA GLU A 303 -1.39 18.25 -53.12
C GLU A 303 -1.41 19.33 -52.05
N ASP A 304 -2.44 19.31 -51.20
CA ASP A 304 -2.55 20.30 -50.13
C ASP A 304 -1.71 19.92 -48.92
N GLY A 305 -1.09 18.75 -48.97
CA GLY A 305 -0.20 18.31 -47.91
C GLY A 305 -0.75 17.17 -47.08
N THR A 306 -2.06 16.94 -47.17
CA THR A 306 -2.72 15.90 -46.39
C THR A 306 -2.48 14.52 -46.97
N GLN A 307 -2.29 13.53 -46.10
CA GLN A 307 -2.07 12.15 -46.54
C GLN A 307 -3.19 11.24 -46.04
N ARG A 308 -3.50 10.21 -46.84
CA ARG A 308 -4.55 9.26 -46.50
C ARG A 308 -4.15 7.84 -46.85
N CYS A 309 -4.84 6.87 -46.25
CA CYS A 309 -4.62 5.46 -46.56
C CYS A 309 -5.67 4.96 -47.53
N GLU A 310 -5.22 4.36 -48.63
CA GLU A 310 -6.13 3.79 -49.61
C GLU A 310 -5.83 2.31 -49.84
N LYS A 311 -6.87 1.50 -49.85
CA LYS A 311 -6.73 0.06 -50.07
C LYS A 311 -6.47 -0.23 -51.54
N CYS A 312 -5.69 -1.28 -51.81
CA CYS A 312 -5.38 -1.67 -53.19
C CYS A 312 -6.06 -2.99 -53.56
N SER A 313 -6.75 -2.99 -54.70
CA SER A 313 -7.39 -4.20 -55.20
C SER A 313 -6.34 -5.20 -55.67
N LYS A 314 -5.40 -4.71 -56.47
CA LYS A 314 -4.28 -5.51 -56.93
C LYS A 314 -3.10 -5.33 -55.98
N PRO A 315 -2.44 -6.44 -55.59
CA PRO A 315 -1.31 -6.47 -54.66
C PRO A 315 -0.35 -5.28 -54.80
N CYS A 316 -0.09 -4.62 -53.67
CA CYS A 316 0.70 -3.38 -53.66
C CYS A 316 2.12 -3.59 -54.16
N ALA A 317 2.71 -2.51 -54.69
CA ALA A 317 4.10 -2.54 -55.15
C ALA A 317 5.04 -2.67 -53.96
N ARG A 318 6.29 -3.04 -54.24
CA ARG A 318 7.27 -3.26 -53.18
C ARG A 318 7.56 -1.98 -52.43
N VAL A 319 7.46 -2.04 -51.10
CA VAL A 319 7.72 -0.89 -50.25
C VAL A 319 8.92 -1.20 -49.35
N CYS A 320 9.75 -0.19 -49.09
CA CYS A 320 10.92 -0.35 -48.24
C CYS A 320 10.58 -0.12 -46.77
N TYR A 321 10.67 -1.17 -45.97
CA TYR A 321 10.37 -1.09 -44.55
C TYR A 321 11.64 -0.90 -43.72
N GLY A 322 11.52 -0.10 -42.66
CA GLY A 322 12.62 0.10 -41.73
C GLY A 322 12.47 -0.83 -40.53
N LEU A 323 13.25 -0.56 -39.49
CA LEU A 323 13.20 -1.36 -38.28
C LEU A 323 11.86 -1.16 -37.56
N GLY A 324 11.35 -2.24 -36.97
CA GLY A 324 10.11 -2.19 -36.23
C GLY A 324 8.88 -2.41 -37.10
N MET A 325 9.10 -2.61 -38.39
CA MET A 325 7.99 -2.82 -39.31
C MET A 325 8.16 -4.12 -40.10
N GLU A 326 7.07 -4.88 -40.18
CA GLU A 326 7.01 -6.11 -40.97
C GLU A 326 8.16 -7.08 -40.69
N HIS A 327 8.96 -7.35 -41.72
CA HIS A 327 10.03 -8.34 -41.61
C HIS A 327 11.24 -7.82 -40.84
N LEU A 328 11.23 -6.54 -40.50
CA LEU A 328 12.29 -5.95 -39.69
C LEU A 328 11.76 -5.53 -38.32
N ARG A 329 10.66 -6.15 -37.89
CA ARG A 329 10.01 -5.79 -36.65
C ARG A 329 10.87 -6.09 -35.42
N GLU A 330 11.55 -7.23 -35.42
CA GLU A 330 12.33 -7.66 -34.27
C GLU A 330 13.82 -7.42 -34.45
N VAL A 331 14.17 -6.52 -35.37
CA VAL A 331 15.58 -6.23 -35.65
C VAL A 331 16.06 -5.01 -34.87
N ARG A 332 17.04 -5.22 -33.99
CA ARG A 332 17.54 -4.16 -33.11
C ARG A 332 18.18 -3.01 -33.86
N ALA A 333 19.10 -3.31 -34.76
CA ALA A 333 19.85 -2.26 -35.44
C ALA A 333 20.14 -2.60 -36.89
N VAL A 334 20.46 -1.55 -37.67
CA VAL A 334 20.93 -1.72 -39.03
C VAL A 334 22.33 -2.35 -39.03
N THR A 335 22.45 -3.53 -39.60
CA THR A 335 23.74 -4.21 -39.68
C THR A 335 24.11 -4.50 -41.13
N SER A 336 25.10 -5.35 -41.33
CA SER A 336 25.53 -5.72 -42.67
C SER A 336 24.75 -6.93 -43.16
N ALA A 337 23.72 -7.31 -42.42
CA ALA A 337 22.86 -8.42 -42.81
C ALA A 337 21.49 -7.90 -43.25
N ASN A 338 21.35 -6.58 -43.32
CA ASN A 338 20.13 -5.97 -43.78
C ASN A 338 20.38 -4.62 -44.45
N ILE A 339 21.65 -4.26 -44.58
CA ILE A 339 22.04 -2.95 -45.13
C ILE A 339 21.60 -2.81 -46.60
N GLN A 340 21.52 -3.93 -47.31
CA GLN A 340 21.20 -3.90 -48.74
C GLN A 340 19.70 -3.79 -49.00
N GLU A 341 18.89 -3.88 -47.95
CA GLU A 341 17.45 -3.81 -48.11
C GLU A 341 16.97 -2.37 -48.10
N PHE A 342 17.90 -1.44 -47.90
CA PHE A 342 17.59 -0.01 -47.94
C PHE A 342 18.10 0.60 -49.23
N ALA A 343 18.68 -0.23 -50.08
CA ALA A 343 19.24 0.20 -51.35
C ALA A 343 18.16 0.68 -52.32
N GLY A 344 18.30 1.92 -52.78
CA GLY A 344 17.34 2.49 -53.72
C GLY A 344 16.08 2.98 -53.05
N CYS A 345 16.08 3.02 -51.73
CA CYS A 345 14.91 3.48 -50.99
C CYS A 345 14.86 5.00 -50.90
N LYS A 346 13.81 5.59 -51.47
CA LYS A 346 13.58 7.02 -51.35
C LYS A 346 12.79 7.31 -50.07
N LYS A 347 11.88 6.41 -49.74
CA LYS A 347 11.08 6.53 -48.53
C LYS A 347 11.06 5.23 -47.73
N ILE A 348 11.45 5.33 -46.46
CA ILE A 348 11.49 4.15 -45.60
C ILE A 348 10.31 4.13 -44.64
N PHE A 349 9.56 3.02 -44.67
CA PHE A 349 8.42 2.84 -43.78
C PHE A 349 8.85 2.11 -42.51
N GLY A 350 9.35 2.88 -41.55
CA GLY A 350 9.89 2.32 -40.33
C GLY A 350 10.99 3.21 -39.79
N SER A 351 11.87 2.63 -38.99
CA SER A 351 12.93 3.41 -38.34
C SER A 351 14.33 2.90 -38.66
N LEU A 352 15.32 3.75 -38.38
CA LEU A 352 16.72 3.38 -38.57
C LEU A 352 17.49 3.56 -37.27
N ALA A 353 18.01 2.45 -36.74
CA ALA A 353 18.78 2.51 -35.51
C ALA A 353 20.21 2.03 -35.75
N PHE A 354 21.17 2.85 -35.33
CA PHE A 354 22.59 2.49 -35.45
C PHE A 354 23.22 2.36 -34.07
N LEU A 355 23.26 1.13 -33.57
CA LEU A 355 23.87 0.82 -32.28
C LEU A 355 25.34 0.47 -32.50
N PRO A 356 26.12 0.35 -31.40
CA PRO A 356 27.51 -0.11 -31.56
C PRO A 356 27.63 -1.47 -32.24
N GLU A 357 26.58 -2.29 -32.14
CA GLU A 357 26.61 -3.63 -32.73
C GLU A 357 26.39 -3.61 -34.24
N SER A 358 26.14 -2.42 -34.78
CA SER A 358 26.00 -2.25 -36.22
C SER A 358 27.32 -2.48 -36.93
N PHE A 359 28.40 -2.07 -36.28
CA PHE A 359 29.70 -2.01 -36.94
C PHE A 359 30.66 -3.11 -36.49
N ASP A 360 30.12 -4.13 -35.84
CA ASP A 360 30.87 -5.36 -35.62
C ASP A 360 30.12 -6.51 -36.28
N GLY A 361 30.82 -7.25 -37.12
CA GLY A 361 30.19 -8.27 -37.95
C GLY A 361 29.99 -9.62 -37.28
N ASP A 362 29.82 -10.64 -38.10
CA ASP A 362 29.53 -11.99 -37.63
C ASP A 362 30.63 -12.95 -38.09
N PRO A 363 31.57 -13.29 -37.18
CA PRO A 363 32.67 -14.20 -37.49
C PRO A 363 32.19 -15.62 -37.83
N ALA A 364 31.08 -16.04 -37.25
CA ALA A 364 30.58 -17.40 -37.42
C ALA A 364 30.02 -17.64 -38.81
N SER A 365 29.65 -16.56 -39.50
CA SER A 365 29.09 -16.69 -40.85
C SER A 365 29.98 -16.00 -41.87
N ASN A 366 31.20 -15.65 -41.44
CA ASN A 366 32.14 -14.91 -42.27
C ASN A 366 31.52 -13.66 -42.88
N THR A 367 30.70 -12.96 -42.09
CA THR A 367 30.07 -11.73 -42.52
C THR A 367 30.89 -10.54 -42.04
N ALA A 368 31.43 -9.77 -42.98
CA ALA A 368 32.22 -8.60 -42.66
C ALA A 368 31.39 -7.56 -41.91
N PRO A 369 32.01 -6.85 -40.96
CA PRO A 369 31.32 -5.76 -40.25
C PRO A 369 30.90 -4.66 -41.22
N LEU A 370 29.83 -3.94 -40.88
CA LEU A 370 29.33 -2.88 -41.73
C LEU A 370 30.41 -1.83 -41.99
N GLN A 371 30.65 -1.55 -43.26
CA GLN A 371 31.69 -0.61 -43.66
C GLN A 371 31.11 0.78 -43.93
N PRO A 372 31.90 1.83 -43.64
CA PRO A 372 31.48 3.22 -43.86
C PRO A 372 31.07 3.51 -45.30
N GLU A 373 31.58 2.73 -46.25
CA GLU A 373 31.23 2.91 -47.65
C GLU A 373 29.81 2.44 -47.93
N GLN A 374 29.38 1.40 -47.23
CA GLN A 374 28.06 0.82 -47.45
C GLN A 374 26.95 1.73 -46.94
N LEU A 375 27.31 2.71 -46.12
CA LEU A 375 26.35 3.66 -45.57
C LEU A 375 25.85 4.64 -46.63
N GLN A 376 26.52 4.65 -47.78
CA GLN A 376 26.13 5.51 -48.89
C GLN A 376 24.89 4.97 -49.60
N VAL A 377 24.39 3.84 -49.10
CA VAL A 377 23.14 3.28 -49.57
C VAL A 377 21.98 4.22 -49.28
N PHE A 378 22.06 4.91 -48.15
CA PHE A 378 21.01 5.83 -47.72
C PHE A 378 21.07 7.18 -48.45
N GLU A 379 21.84 7.25 -49.54
CA GLU A 379 21.99 8.50 -50.28
C GLU A 379 20.72 8.84 -51.05
N THR A 380 19.90 7.84 -51.30
CA THR A 380 18.66 8.04 -52.06
C THR A 380 17.49 8.31 -51.12
N LEU A 381 17.72 8.12 -49.83
CA LEU A 381 16.68 8.29 -48.82
C LEU A 381 16.25 9.75 -48.68
N GLU A 382 14.95 9.98 -48.69
CA GLU A 382 14.40 11.32 -48.59
C GLU A 382 13.38 11.47 -47.48
N GLU A 383 12.91 10.34 -46.94
CA GLU A 383 11.87 10.36 -45.92
C GLU A 383 11.88 9.13 -45.01
N ILE A 384 11.84 9.38 -43.70
CA ILE A 384 11.71 8.32 -42.72
C ILE A 384 10.40 8.50 -41.94
N THR A 385 9.60 7.44 -41.86
CA THR A 385 8.32 7.51 -41.18
C THR A 385 8.47 7.35 -39.67
N GLY A 386 9.37 6.47 -39.26
CA GLY A 386 9.64 6.26 -37.85
C GLY A 386 10.62 7.29 -37.32
N TYR A 387 11.70 6.82 -36.72
CA TYR A 387 12.70 7.72 -36.13
C TYR A 387 14.11 7.39 -36.62
N LEU A 388 15.04 8.30 -36.33
CA LEU A 388 16.45 8.10 -36.65
C LEU A 388 17.28 8.06 -35.37
N TYR A 389 17.80 6.88 -35.04
CA TYR A 389 18.57 6.69 -33.82
C TYR A 389 20.02 6.33 -34.14
N ILE A 390 20.94 7.22 -33.78
CA ILE A 390 22.35 6.96 -34.00
C ILE A 390 23.14 7.08 -32.70
N SER A 391 23.51 5.93 -32.13
CA SER A 391 24.33 5.91 -30.92
C SER A 391 25.75 5.47 -31.24
N ALA A 392 25.99 5.15 -32.50
CA ALA A 392 27.31 4.75 -32.96
C ALA A 392 27.51 5.13 -34.42
N TRP A 393 28.71 5.56 -34.75
CA TRP A 393 29.03 6.06 -36.09
C TRP A 393 30.53 5.98 -36.33
N PRO A 394 30.94 5.57 -37.54
CA PRO A 394 32.36 5.41 -37.89
C PRO A 394 33.17 6.67 -37.61
N ASP A 395 34.26 6.52 -36.86
CA ASP A 395 35.10 7.66 -36.48
C ASP A 395 35.67 8.38 -37.70
N SER A 396 35.80 7.66 -38.81
CA SER A 396 36.31 8.23 -40.04
C SER A 396 35.37 9.30 -40.58
N LEU A 397 34.09 8.93 -40.73
CA LEU A 397 33.07 9.84 -41.24
C LEU A 397 32.86 11.01 -40.28
N PRO A 398 33.11 12.24 -40.75
CA PRO A 398 33.04 13.44 -39.92
C PRO A 398 31.61 13.96 -39.73
N ASP A 399 30.67 13.41 -40.49
CA ASP A 399 29.29 13.88 -40.43
C ASP A 399 28.29 12.82 -40.89
N LEU A 400 27.01 13.16 -40.80
CA LEU A 400 25.94 12.27 -41.23
C LEU A 400 25.51 12.61 -42.66
N SER A 401 26.48 12.81 -43.54
CA SER A 401 26.21 13.26 -44.89
C SER A 401 25.68 12.16 -45.80
N VAL A 402 25.60 10.93 -45.29
CA VAL A 402 24.98 9.86 -46.06
C VAL A 402 23.47 10.03 -46.02
N PHE A 403 23.00 10.89 -45.13
CA PHE A 403 21.59 11.26 -45.06
C PHE A 403 21.38 12.69 -45.55
N GLN A 404 22.22 13.12 -46.48
CA GLN A 404 22.21 14.50 -46.97
C GLN A 404 20.99 14.82 -47.82
N ASN A 405 20.26 13.78 -48.23
CA ASN A 405 19.08 13.97 -49.07
C ASN A 405 17.80 13.72 -48.28
N LEU A 406 17.95 13.36 -47.00
CA LEU A 406 16.83 13.13 -46.12
C LEU A 406 16.11 14.44 -45.82
N GLN A 407 14.81 14.49 -46.12
CA GLN A 407 14.05 15.73 -46.00
C GLN A 407 13.12 15.73 -44.79
N VAL A 408 12.45 14.62 -44.56
CA VAL A 408 11.44 14.54 -43.51
C VAL A 408 11.59 13.30 -42.63
N ILE A 409 11.62 13.51 -41.32
CA ILE A 409 11.46 12.41 -40.36
C ILE A 409 10.10 12.57 -39.70
N ARG A 410 9.16 11.70 -40.07
CA ARG A 410 7.78 11.82 -39.62
C ARG A 410 7.63 11.71 -38.12
N GLY A 411 8.28 10.71 -37.52
CA GLY A 411 8.19 10.49 -36.10
C GLY A 411 6.89 9.84 -35.68
N ARG A 412 6.31 9.04 -36.57
CA ARG A 412 5.09 8.30 -36.25
C ARG A 412 5.44 7.12 -35.35
N ILE A 413 6.72 6.78 -35.31
CA ILE A 413 7.25 5.87 -34.31
C ILE A 413 8.42 6.58 -33.63
N LEU A 414 8.42 6.59 -32.31
CA LEU A 414 9.40 7.35 -31.56
C LEU A 414 10.24 6.45 -30.66
N HIS A 415 11.53 6.77 -30.55
CA HIS A 415 12.41 6.04 -29.65
C HIS A 415 12.00 6.33 -28.22
N ASN A 416 11.66 5.26 -27.48
CA ASN A 416 11.09 5.37 -26.13
C ASN A 416 9.81 6.19 -26.12
N GLY A 417 9.14 6.26 -27.27
CA GLY A 417 7.91 7.00 -27.40
C GLY A 417 8.07 8.50 -27.35
N ALA A 418 9.32 8.96 -27.40
CA ALA A 418 9.61 10.38 -27.21
C ALA A 418 10.44 11.00 -28.33
N TYR A 419 11.57 10.39 -28.66
CA TYR A 419 12.55 11.02 -29.54
C TYR A 419 12.47 10.54 -31.00
N SER A 420 12.41 11.49 -31.92
CA SER A 420 12.38 11.18 -33.35
C SER A 420 13.78 11.28 -33.96
N LEU A 421 14.68 11.94 -33.25
CA LEU A 421 16.06 12.10 -33.69
C LEU A 421 17.02 12.04 -32.52
N THR A 422 17.77 10.93 -32.43
CA THR A 422 18.73 10.76 -31.35
C THR A 422 20.15 10.60 -31.87
N LEU A 423 21.02 11.55 -31.50
CA LEU A 423 22.43 11.48 -31.81
C LEU A 423 23.23 11.52 -30.52
N GLN A 424 23.87 10.41 -30.16
CA GLN A 424 24.56 10.34 -28.88
C GLN A 424 25.85 9.51 -28.94
N GLY A 425 26.91 10.03 -28.34
CA GLY A 425 28.18 9.33 -28.26
C GLY A 425 28.88 9.20 -29.60
N LEU A 426 28.69 10.18 -30.47
CA LEU A 426 29.30 10.15 -31.80
C LEU A 426 30.56 10.99 -31.86
N GLY A 427 31.38 10.73 -32.88
CA GLY A 427 32.61 11.49 -33.08
C GLY A 427 32.51 12.42 -34.26
N ILE A 428 31.29 12.64 -34.73
CA ILE A 428 31.04 13.52 -35.87
C ILE A 428 31.41 14.96 -35.54
N SER A 429 31.87 15.70 -36.55
CA SER A 429 32.27 17.08 -36.36
C SER A 429 31.10 18.03 -36.63
N TRP A 430 30.35 17.75 -37.69
CA TRP A 430 29.11 18.47 -37.96
C TRP A 430 28.02 17.48 -38.35
N LEU A 431 26.82 17.99 -38.64
CA LEU A 431 25.68 17.14 -38.92
C LEU A 431 25.62 16.73 -40.39
N GLY A 432 25.46 17.72 -41.27
CA GLY A 432 25.46 17.45 -42.70
C GLY A 432 24.11 17.04 -43.24
N LEU A 433 23.06 17.25 -42.47
CA LEU A 433 21.70 16.95 -42.91
C LEU A 433 21.10 18.16 -43.61
N ARG A 434 21.70 18.56 -44.73
CA ARG A 434 21.35 19.80 -45.40
C ARG A 434 19.93 19.83 -45.98
N SER A 435 19.33 18.66 -46.16
CA SER A 435 18.00 18.59 -46.76
C SER A 435 16.88 18.48 -45.72
N LEU A 436 17.25 18.15 -44.48
CA LEU A 436 16.28 17.99 -43.41
C LEU A 436 15.57 19.32 -43.12
N ARG A 437 14.27 19.37 -43.36
CA ARG A 437 13.51 20.59 -43.19
C ARG A 437 12.25 20.38 -42.35
N GLU A 438 12.05 19.15 -41.85
CA GLU A 438 10.88 18.85 -41.05
C GLU A 438 11.04 17.63 -40.15
N LEU A 439 10.75 17.82 -38.87
CA LEU A 439 10.57 16.72 -37.93
C LEU A 439 9.09 16.68 -37.54
N GLY A 440 8.32 15.85 -38.24
CA GLY A 440 6.87 15.79 -38.09
C GLY A 440 6.35 15.74 -36.67
N SER A 441 7.05 15.00 -35.81
CA SER A 441 6.69 14.91 -34.41
C SER A 441 7.87 14.38 -33.60
N GLY A 442 7.72 14.35 -32.28
CA GLY A 442 8.76 13.82 -31.41
C GLY A 442 9.83 14.85 -31.08
N LEU A 443 10.62 14.55 -30.05
CA LEU A 443 11.72 15.42 -29.64
C LEU A 443 13.01 15.06 -30.35
N ALA A 444 13.99 15.95 -30.27
CA ALA A 444 15.32 15.68 -30.81
C ALA A 444 16.34 15.68 -29.68
N LEU A 445 17.11 14.60 -29.59
CA LEU A 445 18.10 14.47 -28.53
C LEU A 445 19.51 14.32 -29.10
N ILE A 446 20.30 15.38 -29.00
CA ILE A 446 21.68 15.35 -29.47
C ILE A 446 22.63 15.69 -28.34
N HIS A 447 23.22 14.66 -27.73
CA HIS A 447 24.09 14.87 -26.57
C HIS A 447 25.36 14.03 -26.61
N HIS A 448 26.35 14.44 -25.81
CA HIS A 448 27.61 13.72 -25.64
C HIS A 448 28.33 13.44 -26.95
N ASN A 449 28.38 14.44 -27.83
CA ASN A 449 29.17 14.35 -29.04
C ASN A 449 30.35 15.32 -28.96
N THR A 450 31.51 14.78 -28.57
CA THR A 450 32.66 15.58 -28.17
C THR A 450 33.10 16.63 -29.21
N HIS A 451 33.22 16.22 -30.46
CA HIS A 451 33.77 17.10 -31.49
C HIS A 451 32.69 17.73 -32.36
N LEU A 452 31.44 17.59 -31.96
CA LEU A 452 30.32 18.07 -32.77
C LEU A 452 30.08 19.57 -32.62
N CYS A 453 30.07 20.26 -33.75
CA CYS A 453 29.70 21.67 -33.81
C CYS A 453 28.52 21.87 -34.75
N PHE A 454 28.27 23.12 -35.11
CA PHE A 454 27.20 23.47 -36.04
C PHE A 454 25.84 22.94 -35.58
N VAL A 455 25.59 22.98 -34.28
CA VAL A 455 24.31 22.56 -33.73
C VAL A 455 23.40 23.77 -33.54
N HIS A 456 23.99 24.87 -33.06
CA HIS A 456 23.24 26.10 -32.83
C HIS A 456 23.07 26.90 -34.12
N THR A 457 23.72 26.43 -35.19
CA THR A 457 23.59 27.07 -36.49
C THR A 457 22.42 26.47 -37.26
N VAL A 458 21.69 25.56 -36.63
CA VAL A 458 20.54 24.92 -37.25
C VAL A 458 19.24 25.54 -36.74
N PRO A 459 18.40 26.03 -37.66
CA PRO A 459 17.09 26.58 -37.28
C PRO A 459 16.10 25.48 -36.89
N TRP A 460 16.28 24.93 -35.69
CA TRP A 460 15.48 23.80 -35.24
C TRP A 460 13.99 24.10 -35.17
N ASP A 461 13.66 25.36 -34.86
CA ASP A 461 12.27 25.77 -34.73
C ASP A 461 11.52 25.65 -36.06
N GLN A 462 12.25 25.75 -37.16
CA GLN A 462 11.66 25.61 -38.48
C GLN A 462 11.30 24.16 -38.78
N LEU A 463 12.03 23.23 -38.17
CA LEU A 463 11.84 21.82 -38.42
C LEU A 463 10.65 21.25 -37.64
N PHE A 464 10.41 21.77 -36.46
CA PHE A 464 9.32 21.30 -35.60
C PHE A 464 7.95 21.67 -36.17
N ARG A 465 6.94 20.90 -35.79
CA ARG A 465 5.59 21.10 -36.33
C ARG A 465 4.53 21.21 -35.23
N ASN A 466 4.98 21.22 -33.98
CA ASN A 466 4.08 21.40 -32.84
C ASN A 466 4.87 21.90 -31.63
N PRO A 467 4.19 22.56 -30.66
CA PRO A 467 4.96 23.17 -29.58
C PRO A 467 5.44 22.19 -28.52
N HIS A 468 5.04 20.92 -28.62
CA HIS A 468 5.51 19.90 -27.70
C HIS A 468 6.87 19.37 -28.12
N GLN A 469 7.44 19.97 -29.17
CA GLN A 469 8.73 19.54 -29.69
C GLN A 469 9.85 20.51 -29.29
N ALA A 470 11.06 19.99 -29.16
CA ALA A 470 12.22 20.78 -28.81
C ALA A 470 13.51 20.02 -29.10
N LEU A 471 14.65 20.68 -28.87
CA LEU A 471 15.94 20.03 -28.99
C LEU A 471 16.63 19.93 -27.64
N LEU A 472 16.82 18.71 -27.17
CA LEU A 472 17.54 18.48 -25.92
C LEU A 472 19.01 18.18 -26.23
N HIS A 473 19.89 19.07 -25.80
CA HIS A 473 21.30 18.96 -26.14
C HIS A 473 22.22 19.29 -24.96
N THR A 474 23.24 18.47 -24.79
CA THR A 474 24.22 18.69 -23.72
C THR A 474 25.51 17.92 -24.02
N ALA A 475 26.58 18.29 -23.34
CA ALA A 475 27.86 17.57 -23.42
C ALA A 475 28.42 17.47 -24.84
N ASN A 476 27.99 18.37 -25.72
CA ASN A 476 28.60 18.49 -27.04
C ASN A 476 29.79 19.44 -26.95
N ARG A 477 30.36 19.81 -28.09
CA ARG A 477 31.47 20.76 -28.08
C ARG A 477 30.94 22.17 -27.82
N PRO A 478 31.55 22.87 -26.85
CA PRO A 478 31.17 24.24 -26.50
C PRO A 478 31.17 25.17 -27.71
N GLU A 479 30.11 25.95 -27.86
CA GLU A 479 29.99 26.89 -28.98
C GLU A 479 31.11 27.93 -28.94
N ASP A 480 31.61 28.21 -27.74
CA ASP A 480 32.71 29.14 -27.56
C ASP A 480 33.98 28.61 -28.22
N GLU A 481 34.17 27.30 -28.16
CA GLU A 481 35.30 26.66 -28.81
C GLU A 481 35.11 26.62 -30.32
N CYS A 482 33.85 26.50 -30.74
CA CYS A 482 33.52 26.45 -32.17
C CYS A 482 33.78 27.79 -32.84
N VAL A 483 33.32 28.87 -32.21
CA VAL A 483 33.46 30.20 -32.79
C VAL A 483 34.89 30.70 -32.64
N GLY A 484 35.61 30.17 -31.66
CA GLY A 484 37.01 30.51 -31.47
C GLY A 484 37.83 30.10 -32.67
N GLU A 485 37.63 28.85 -33.10
CA GLU A 485 38.20 28.36 -34.34
C GLU A 485 37.35 28.85 -35.50
N GLY A 486 37.83 28.68 -36.73
CA GLY A 486 37.09 29.13 -37.90
C GLY A 486 35.94 28.23 -38.28
N LEU A 487 35.12 27.85 -37.29
CA LEU A 487 33.98 26.96 -37.53
C LEU A 487 32.67 27.73 -37.47
N ALA A 488 32.42 28.57 -38.47
CA ALA A 488 31.18 29.33 -38.55
C ALA A 488 30.53 29.14 -39.92
N CYS A 489 29.28 29.58 -40.04
CA CYS A 489 28.55 29.46 -41.30
C CYS A 489 29.21 30.26 -42.41
N HIS A 490 29.09 29.76 -43.63
CA HIS A 490 29.67 30.44 -44.80
C HIS A 490 28.92 31.75 -45.07
N GLN A 491 29.60 32.67 -45.75
CA GLN A 491 29.03 33.99 -46.03
C GLN A 491 27.77 33.90 -46.89
N LEU A 492 27.71 32.89 -47.75
CA LEU A 492 26.59 32.74 -48.68
C LEU A 492 25.37 32.09 -48.02
N CYS A 493 25.55 31.57 -46.82
CA CYS A 493 24.43 31.00 -46.06
C CYS A 493 23.54 32.11 -45.52
N ALA A 494 22.28 32.12 -45.94
CA ALA A 494 21.34 33.15 -45.54
C ALA A 494 21.00 33.05 -44.06
N ARG A 495 21.02 34.20 -43.39
CA ARG A 495 20.66 34.32 -41.97
C ARG A 495 21.51 33.45 -41.05
N GLY A 496 22.69 33.06 -41.52
CA GLY A 496 23.61 32.28 -40.72
C GLY A 496 23.08 30.91 -40.32
N HIS A 497 22.40 30.25 -41.24
CA HIS A 497 21.85 28.93 -40.98
C HIS A 497 22.56 27.87 -41.82
N CYS A 498 23.23 26.94 -41.15
CA CYS A 498 23.98 25.90 -41.85
C CYS A 498 24.03 24.60 -41.05
N TRP A 499 24.26 23.49 -41.75
CA TRP A 499 24.37 22.19 -41.11
C TRP A 499 25.83 21.78 -40.96
N GLY A 500 26.72 22.64 -41.47
CA GLY A 500 28.15 22.37 -41.42
C GLY A 500 28.95 23.45 -42.11
N PRO A 501 30.27 23.27 -42.21
CA PRO A 501 31.17 24.24 -42.85
C PRO A 501 31.10 24.18 -44.37
N GLY A 502 31.52 25.25 -45.03
CA GLY A 502 31.50 25.31 -46.47
C GLY A 502 30.16 25.76 -47.01
N PRO A 503 30.12 26.15 -48.30
CA PRO A 503 28.90 26.60 -48.97
C PRO A 503 28.02 25.45 -49.45
N THR A 504 28.30 24.24 -48.98
CA THR A 504 27.51 23.06 -49.37
C THR A 504 26.63 22.57 -48.23
N GLN A 505 26.50 23.39 -47.19
CA GLN A 505 25.72 23.00 -46.02
C GLN A 505 24.74 24.11 -45.62
N CYS A 506 24.47 25.02 -46.54
CA CYS A 506 23.56 26.12 -46.27
C CYS A 506 22.11 25.66 -46.26
N VAL A 507 21.36 26.07 -45.23
CA VAL A 507 19.93 25.82 -45.19
C VAL A 507 19.26 26.65 -46.27
N ASN A 508 19.51 27.96 -46.25
CA ASN A 508 19.03 28.86 -47.27
C ASN A 508 20.20 29.54 -47.96
N CYS A 509 20.28 29.39 -49.28
CA CYS A 509 21.33 30.03 -50.06
C CYS A 509 20.92 31.45 -50.39
N SER A 510 21.77 32.41 -50.04
CA SER A 510 21.48 33.83 -50.23
C SER A 510 21.19 34.16 -51.69
N GLN A 511 21.90 33.50 -52.60
CA GLN A 511 21.71 33.74 -54.03
C GLN A 511 22.39 32.68 -54.90
N PHE A 512 21.66 32.20 -55.90
CA PHE A 512 22.22 31.34 -56.94
C PHE A 512 22.98 30.11 -56.47
N LEU A 513 22.24 29.07 -56.11
CA LEU A 513 22.85 27.79 -55.78
C LEU A 513 23.18 27.01 -57.04
N ARG A 514 24.44 26.58 -57.15
CA ARG A 514 24.86 25.77 -58.30
C ARG A 514 25.13 24.33 -57.88
N GLY A 515 24.29 23.42 -58.39
CA GLY A 515 24.40 22.02 -58.03
C GLY A 515 24.11 21.78 -56.56
N GLN A 516 25.16 21.60 -55.78
CA GLN A 516 25.02 21.45 -54.32
C GLN A 516 25.86 22.49 -53.59
N GLU A 517 26.53 23.33 -54.36
CA GLU A 517 27.37 24.40 -53.80
C GLU A 517 26.75 25.76 -54.04
N CYS A 518 26.72 26.59 -52.99
CA CYS A 518 26.26 27.97 -53.13
C CYS A 518 27.37 28.84 -53.72
N VAL A 519 27.03 29.57 -54.78
CA VAL A 519 27.97 30.53 -55.36
C VAL A 519 27.37 31.92 -55.23
N GLU A 520 28.11 32.94 -55.64
CA GLU A 520 27.62 34.31 -55.50
C GLU A 520 26.82 34.76 -56.72
N GLU A 521 27.09 34.17 -57.89
CA GLU A 521 26.34 34.48 -59.10
C GLU A 521 26.68 33.47 -60.18
N CYS A 522 25.69 32.95 -60.89
CA CYS A 522 25.93 31.97 -61.95
C CYS A 522 26.51 32.67 -63.18
N ARG A 523 27.22 31.92 -64.04
CA ARG A 523 27.88 32.42 -65.22
C ARG A 523 26.92 32.38 -66.41
N VAL A 524 25.93 33.27 -66.39
CA VAL A 524 24.93 33.37 -67.44
C VAL A 524 25.58 33.70 -68.78
N LEU A 525 26.61 34.53 -68.74
CA LEU A 525 27.30 34.96 -69.95
C LEU A 525 28.80 35.13 -69.69
N GLN A 526 29.33 34.38 -68.72
CA GLN A 526 30.69 34.59 -68.26
C GLN A 526 31.70 33.53 -68.70
N GLY A 527 31.21 32.44 -69.30
CA GLY A 527 32.11 31.41 -69.80
C GLY A 527 31.71 29.99 -69.45
N LEU A 528 31.32 29.77 -68.20
CA LEU A 528 30.79 28.46 -67.80
C LEU A 528 29.50 28.19 -68.58
N PRO A 529 29.60 27.32 -69.59
CA PRO A 529 28.68 27.05 -70.70
C PRO A 529 27.37 27.84 -70.69
N ARG A 530 27.48 29.17 -70.58
CA ARG A 530 26.33 30.07 -70.58
C ARG A 530 25.18 29.56 -69.71
N GLU A 531 25.49 29.32 -68.43
CA GLU A 531 24.53 28.74 -67.50
C GLU A 531 23.23 29.54 -67.42
N TYR A 532 22.13 28.92 -67.85
CA TYR A 532 20.83 29.56 -67.79
C TYR A 532 20.25 29.43 -66.39
N VAL A 533 19.40 30.39 -66.01
CA VAL A 533 18.83 30.43 -64.67
C VAL A 533 17.44 29.81 -64.63
N ASN A 534 17.23 28.89 -63.70
CA ASN A 534 15.93 28.27 -63.51
C ASN A 534 15.62 28.09 -62.03
N ALA A 535 14.85 29.04 -61.49
CA ALA A 535 14.46 29.03 -60.08
C ALA A 535 15.67 28.97 -59.15
N ARG A 536 16.53 29.99 -59.25
CA ARG A 536 17.71 30.13 -58.39
C ARG A 536 18.69 28.96 -58.51
N HIS A 537 18.57 28.19 -59.58
CA HIS A 537 19.44 27.03 -59.79
C HIS A 537 20.22 27.14 -61.09
N CYS A 538 21.54 27.15 -61.00
CA CYS A 538 22.41 27.28 -62.16
C CYS A 538 22.47 25.97 -62.91
N LEU A 539 22.23 26.02 -64.22
CA LEU A 539 22.16 24.84 -65.07
C LEU A 539 22.87 25.05 -66.40
N PRO A 540 23.53 24.00 -66.91
CA PRO A 540 24.25 24.07 -68.18
C PRO A 540 23.34 24.25 -69.38
N CYS A 541 23.80 25.01 -70.38
CA CYS A 541 23.00 25.26 -71.57
C CYS A 541 23.81 25.03 -72.84
N HIS A 542 23.11 24.79 -73.95
CA HIS A 542 23.74 24.57 -75.25
C HIS A 542 24.74 23.43 -75.22
N ASP B 1 9.79 -13.23 11.38
CA ASP B 1 9.41 -12.69 12.68
C ASP B 1 10.63 -12.36 13.52
N ILE B 2 10.55 -11.28 14.29
CA ILE B 2 11.65 -10.87 15.15
C ILE B 2 11.41 -11.28 16.60
N GLN B 3 12.26 -12.17 17.11
CA GLN B 3 12.10 -12.69 18.46
C GLN B 3 12.51 -11.66 19.51
N MET B 4 11.59 -11.37 20.43
CA MET B 4 11.86 -10.42 21.51
C MET B 4 12.06 -11.14 22.84
N THR B 5 13.18 -10.85 23.50
CA THR B 5 13.49 -11.47 24.79
C THR B 5 13.65 -10.42 25.89
N GLN B 6 13.01 -10.66 27.03
CA GLN B 6 13.09 -9.75 28.16
C GLN B 6 13.91 -10.34 29.30
N SER B 7 14.29 -9.49 30.25
CA SER B 7 15.06 -9.94 31.41
C SER B 7 14.88 -9.00 32.59
N PRO B 8 14.59 -9.55 33.78
CA PRO B 8 14.42 -10.99 34.00
C PRO B 8 13.01 -11.47 33.65
N SER B 9 12.71 -12.71 34.02
CA SER B 9 11.37 -13.26 33.82
C SER B 9 10.48 -12.91 35.02
N SER B 10 11.09 -12.90 36.20
CA SER B 10 10.39 -12.52 37.42
C SER B 10 11.24 -11.55 38.22
N LEU B 11 10.58 -10.64 38.94
CA LEU B 11 11.30 -9.62 39.70
C LEU B 11 10.50 -9.15 40.92
N SER B 12 11.19 -8.92 42.02
CA SER B 12 10.56 -8.45 43.25
C SER B 12 11.38 -7.33 43.90
N ALA B 13 10.69 -6.24 44.25
CA ALA B 13 11.35 -5.09 44.89
C ALA B 13 10.38 -4.33 45.78
N SER B 14 10.93 -3.54 46.71
CA SER B 14 10.12 -2.78 47.64
C SER B 14 9.62 -1.48 47.01
N VAL B 15 8.66 -0.84 47.67
CA VAL B 15 8.11 0.42 47.20
C VAL B 15 9.14 1.55 47.29
N GLY B 16 9.33 2.25 46.17
CA GLY B 16 10.26 3.36 46.13
C GLY B 16 11.56 3.01 45.42
N ASP B 17 11.83 1.73 45.27
CA ASP B 17 13.03 1.27 44.58
C ASP B 17 12.88 1.43 43.07
N ARG B 18 14.00 1.40 42.35
CA ARG B 18 13.97 1.52 40.90
C ARG B 18 13.99 0.16 40.24
N VAL B 19 13.32 0.05 39.09
CA VAL B 19 13.22 -1.22 38.37
C VAL B 19 13.82 -1.10 36.98
N THR B 20 14.70 -2.05 36.64
CA THR B 20 15.33 -2.06 35.33
C THR B 20 15.01 -3.35 34.57
N ILE B 21 14.09 -3.24 33.62
CA ILE B 21 13.73 -4.38 32.77
C ILE B 21 14.37 -4.26 31.40
N THR B 22 15.28 -5.18 31.08
CA THR B 22 16.01 -5.14 29.82
C THR B 22 15.34 -5.99 28.76
N CYS B 23 15.09 -5.39 27.59
CA CYS B 23 14.49 -6.10 26.47
C CYS B 23 15.50 -6.23 25.33
N ARG B 24 15.72 -7.47 24.88
CA ARG B 24 16.68 -7.73 23.81
C ARG B 24 16.00 -8.24 22.55
N ALA B 25 16.41 -7.71 21.41
CA ALA B 25 15.84 -8.12 20.14
C ALA B 25 16.81 -8.99 19.35
N SER B 26 16.27 -9.88 18.53
CA SER B 26 17.10 -10.76 17.71
C SER B 26 17.42 -10.10 16.37
N GLN B 27 17.24 -8.78 16.31
CA GLN B 27 17.51 -8.01 15.11
C GLN B 27 17.64 -6.53 15.48
N SER B 28 18.45 -5.79 14.72
CA SER B 28 18.64 -4.38 14.98
C SER B 28 17.36 -3.58 14.77
N ILE B 29 16.83 -3.04 15.87
CA ILE B 29 15.61 -2.25 15.82
C ILE B 29 15.92 -0.77 16.04
N SER B 30 15.45 0.07 15.12
CA SER B 30 15.72 1.51 15.20
C SER B 30 14.72 2.22 16.11
N SER B 31 14.79 1.91 17.41
CA SER B 31 13.93 2.52 18.42
C SER B 31 12.44 2.38 18.12
N TYR B 32 12.06 1.25 17.53
CA TYR B 32 10.66 0.97 17.24
C TYR B 32 10.05 0.11 18.34
N LEU B 33 10.50 0.30 19.58
CA LEU B 33 10.05 -0.53 20.69
C LEU B 33 8.91 0.10 21.48
N ASN B 34 8.00 -0.74 21.97
CA ASN B 34 6.88 -0.29 22.77
C ASN B 34 6.78 -1.08 24.07
N TRP B 35 6.32 -0.42 25.14
CA TRP B 35 6.18 -1.08 26.44
C TRP B 35 4.72 -1.12 26.89
N TYR B 36 4.37 -2.18 27.62
CA TYR B 36 3.00 -2.35 28.09
C TYR B 36 2.93 -2.71 29.57
N GLN B 37 1.71 -2.72 30.11
CA GLN B 37 1.48 -3.07 31.50
C GLN B 37 0.17 -3.83 31.64
N GLN B 38 0.24 -5.15 31.62
CA GLN B 38 -0.95 -5.98 31.68
C GLN B 38 -1.21 -6.51 33.09
N LYS B 39 -2.21 -5.92 33.75
CA LYS B 39 -2.66 -6.41 35.05
C LYS B 39 -3.54 -7.64 34.84
N PRO B 40 -3.51 -8.59 35.79
CA PRO B 40 -4.27 -9.84 35.66
C PRO B 40 -5.77 -9.61 35.53
N GLY B 41 -6.34 -10.07 34.41
CA GLY B 41 -7.76 -9.93 34.17
C GLY B 41 -8.11 -8.71 33.34
N LYS B 42 -7.09 -8.02 32.86
CA LYS B 42 -7.30 -6.81 32.05
C LYS B 42 -6.41 -6.79 30.81
N ALA B 43 -6.81 -5.99 29.83
CA ALA B 43 -6.03 -5.80 28.61
C ALA B 43 -4.86 -4.87 28.87
N PRO B 44 -3.74 -5.08 28.14
CA PRO B 44 -2.54 -4.25 28.32
C PRO B 44 -2.80 -2.77 28.07
N LYS B 45 -1.92 -1.92 28.60
CA LYS B 45 -2.00 -0.49 28.33
C LYS B 45 -0.66 0.02 27.81
N LEU B 46 -0.70 0.86 26.79
CA LEU B 46 0.51 1.39 26.18
C LEU B 46 1.23 2.33 27.15
N LEU B 47 2.37 1.88 27.67
CA LEU B 47 3.16 2.70 28.58
C LEU B 47 4.03 3.69 27.83
N ILE B 48 5.02 3.18 27.11
CA ILE B 48 5.96 4.02 26.38
C ILE B 48 6.14 3.50 24.95
N TYR B 49 5.72 4.30 23.97
CA TYR B 49 5.79 3.89 22.57
C TYR B 49 7.01 4.50 21.88
N ALA B 50 7.56 3.78 20.91
CA ALA B 50 8.71 4.24 20.14
C ALA B 50 9.87 4.67 21.03
N ALA B 51 10.37 3.72 21.82
CA ALA B 51 11.48 3.95 22.75
C ALA B 51 11.14 5.01 23.81
N SER B 52 11.73 6.19 23.66
CA SER B 52 11.67 7.22 24.70
C SER B 52 10.31 7.89 24.87
N SER B 53 9.56 8.03 23.77
CA SER B 53 8.31 8.78 23.77
C SER B 53 7.25 8.20 24.71
N LEU B 54 6.93 8.96 25.77
CA LEU B 54 5.95 8.53 26.76
C LEU B 54 4.52 8.73 26.28
N GLN B 55 3.59 7.92 26.79
CA GLN B 55 2.18 8.01 26.43
C GLN B 55 1.42 8.92 27.38
N SER B 56 0.44 9.65 26.85
CA SER B 56 -0.39 10.55 27.64
C SER B 56 -1.22 9.78 28.67
N GLY B 57 -1.23 10.27 29.90
CA GLY B 57 -1.95 9.63 30.98
C GLY B 57 -1.05 8.79 31.86
N VAL B 58 -0.06 8.16 31.23
CA VAL B 58 0.92 7.34 31.94
C VAL B 58 1.80 8.21 32.85
N PRO B 59 1.95 7.80 34.12
CA PRO B 59 2.80 8.50 35.09
C PRO B 59 4.20 8.79 34.56
N SER B 60 4.77 9.92 34.99
CA SER B 60 6.06 10.37 34.49
C SER B 60 7.22 9.56 35.08
N ARG B 61 6.92 8.67 36.01
CA ARG B 61 7.94 7.84 36.64
C ARG B 61 8.36 6.70 35.71
N PHE B 62 7.67 6.57 34.59
CA PHE B 62 8.00 5.55 33.60
C PHE B 62 8.82 6.16 32.46
N SER B 63 10.07 5.71 32.33
CA SER B 63 10.95 6.18 31.28
C SER B 63 11.53 5.03 30.47
N GLY B 64 11.69 5.26 29.17
CA GLY B 64 12.22 4.23 28.29
C GLY B 64 13.45 4.71 27.53
N SER B 65 14.40 3.81 27.32
CA SER B 65 15.63 4.14 26.61
C SER B 65 16.24 2.90 25.97
N GLY B 66 17.19 3.12 25.07
CA GLY B 66 17.86 2.03 24.39
C GLY B 66 17.72 2.13 22.87
N SER B 67 18.62 1.45 22.16
CA SER B 67 18.60 1.47 20.70
C SER B 67 19.35 0.28 20.12
N GLY B 68 18.84 -0.26 19.03
CA GLY B 68 19.48 -1.37 18.34
C GLY B 68 19.10 -2.73 18.91
N THR B 69 19.96 -3.28 19.76
CA THR B 69 19.75 -4.61 20.32
C THR B 69 19.08 -4.56 21.69
N ASP B 70 19.66 -3.78 22.60
CA ASP B 70 19.20 -3.75 23.98
C ASP B 70 18.42 -2.48 24.31
N PHE B 71 17.39 -2.64 25.14
CA PHE B 71 16.58 -1.52 25.61
C PHE B 71 16.45 -1.58 27.12
N THR B 72 15.70 -0.64 27.69
CA THR B 72 15.53 -0.58 29.14
C THR B 72 14.27 0.17 29.57
N LEU B 73 13.40 -0.51 30.30
CA LEU B 73 12.25 0.12 30.94
C LEU B 73 12.63 0.49 32.38
N THR B 74 12.31 1.72 32.76
CA THR B 74 12.72 2.21 34.07
C THR B 74 11.58 2.82 34.88
N ILE B 75 11.41 2.33 36.10
CA ILE B 75 10.44 2.90 37.04
C ILE B 75 11.18 3.54 38.20
N SER B 76 11.27 4.87 38.18
CA SER B 76 12.05 5.62 39.16
C SER B 76 11.59 5.37 40.59
N SER B 77 10.29 5.20 40.78
CA SER B 77 9.74 4.92 42.10
C SER B 77 8.64 3.87 42.02
N LEU B 78 8.98 2.63 42.38
CA LEU B 78 8.05 1.52 42.33
C LEU B 78 6.87 1.74 43.28
N GLN B 79 5.67 1.48 42.80
CA GLN B 79 4.46 1.63 43.60
C GLN B 79 3.63 0.35 43.61
N PRO B 80 2.79 0.17 44.64
CA PRO B 80 1.91 -1.01 44.71
C PRO B 80 0.96 -1.12 43.52
N GLU B 81 0.71 -0.01 42.83
CA GLU B 81 -0.18 0.00 41.68
C GLU B 81 0.55 -0.44 40.41
N ASP B 82 1.84 -0.75 40.56
CA ASP B 82 2.66 -1.14 39.42
C ASP B 82 2.79 -2.66 39.30
N PHE B 83 1.95 -3.39 40.04
CA PHE B 83 1.96 -4.84 39.96
C PHE B 83 1.30 -5.33 38.68
N ALA B 84 2.13 -5.81 37.75
CA ALA B 84 1.66 -6.37 36.49
C ALA B 84 2.80 -7.08 35.76
N THR B 85 2.44 -7.81 34.71
CA THR B 85 3.45 -8.43 33.85
C THR B 85 3.77 -7.47 32.70
N TYR B 86 5.02 -7.05 32.62
CA TYR B 86 5.43 -6.05 31.63
C TYR B 86 5.94 -6.69 30.35
N TYR B 87 5.37 -6.26 29.22
CA TYR B 87 5.74 -6.76 27.91
C TYR B 87 6.43 -5.69 27.08
N CYS B 88 7.34 -6.11 26.20
CA CYS B 88 7.94 -5.21 25.23
C CYS B 88 7.53 -5.62 23.82
N GLN B 89 7.29 -4.64 22.96
CA GLN B 89 6.86 -4.93 21.60
C GLN B 89 7.70 -4.17 20.57
N GLN B 90 8.13 -4.87 19.53
CA GLN B 90 8.82 -4.23 18.43
C GLN B 90 7.83 -3.82 17.34
N SER B 91 8.07 -2.66 16.74
CA SER B 91 7.22 -2.18 15.66
C SER B 91 8.06 -1.89 14.43
N TYR B 92 8.92 -2.85 14.08
CA TYR B 92 9.84 -2.68 12.96
C TYR B 92 9.28 -3.26 11.67
N SER B 93 8.74 -4.47 11.76
CA SER B 93 8.21 -5.14 10.57
C SER B 93 7.11 -6.14 10.90
N THR B 94 6.21 -6.34 9.94
CA THR B 94 5.13 -7.32 10.08
C THR B 94 5.69 -8.74 10.17
N PRO B 95 5.26 -9.51 11.17
CA PRO B 95 4.30 -9.11 12.22
C PRO B 95 4.97 -8.54 13.46
N PRO B 96 4.30 -7.61 14.16
CA PRO B 96 4.80 -7.10 15.43
C PRO B 96 4.80 -8.17 16.52
N THR B 97 5.94 -8.40 17.14
CA THR B 97 6.07 -9.47 18.11
C THR B 97 6.26 -8.95 19.53
N PHE B 98 5.88 -9.79 20.50
CA PHE B 98 6.00 -9.42 21.92
C PHE B 98 7.00 -10.33 22.62
N GLY B 99 7.31 -10.00 23.88
CA GLY B 99 8.20 -10.82 24.68
C GLY B 99 7.43 -11.82 25.51
N GLN B 100 8.13 -12.55 26.37
CA GLN B 100 7.49 -13.55 27.23
C GLN B 100 6.87 -12.88 28.45
N GLY B 101 7.29 -11.64 28.72
CA GLY B 101 6.74 -10.87 29.82
C GLY B 101 7.59 -10.93 31.08
N THR B 102 7.66 -9.81 31.78
CA THR B 102 8.37 -9.73 33.05
C THR B 102 7.39 -9.47 34.19
N LYS B 103 7.07 -10.52 34.94
CA LYS B 103 6.11 -10.40 36.03
C LYS B 103 6.74 -9.79 37.27
N VAL B 104 6.59 -8.47 37.40
CA VAL B 104 7.16 -7.76 38.53
C VAL B 104 6.16 -7.64 39.69
N GLU B 105 6.53 -8.21 40.82
CA GLU B 105 5.68 -8.18 42.00
C GLU B 105 6.37 -7.45 43.14
N ILE B 106 5.71 -6.41 43.68
CA ILE B 106 6.35 -5.56 44.68
C ILE B 106 6.47 -6.25 46.04
N LYS B 107 7.24 -5.64 46.93
CA LYS B 107 7.53 -6.23 48.24
C LYS B 107 7.13 -5.31 49.39
N ARG B 108 6.50 -5.88 50.41
CA ARG B 108 6.12 -5.14 51.61
C ARG B 108 6.62 -5.84 52.87
N THR B 109 6.11 -5.42 54.01
CA THR B 109 6.47 -6.03 55.28
C THR B 109 5.70 -7.33 55.49
N VAL B 110 6.11 -8.11 56.50
CA VAL B 110 5.49 -9.40 56.77
C VAL B 110 4.07 -9.24 57.30
N ALA B 111 3.14 -10.01 56.72
CA ALA B 111 1.75 -9.96 57.14
C ALA B 111 1.23 -11.36 57.47
N ALA B 112 0.62 -11.50 58.64
CA ALA B 112 0.09 -12.79 59.10
C ALA B 112 -1.20 -13.13 58.38
N PRO B 113 -1.36 -14.41 57.99
CA PRO B 113 -2.56 -14.88 57.29
C PRO B 113 -3.77 -15.01 58.21
N SER B 114 -4.91 -14.51 57.76
CA SER B 114 -6.16 -14.62 58.50
C SER B 114 -6.83 -15.95 58.20
N VAL B 115 -6.66 -16.92 59.09
CA VAL B 115 -7.18 -18.27 58.88
C VAL B 115 -8.68 -18.34 59.18
N PHE B 116 -9.44 -18.81 58.19
CA PHE B 116 -10.88 -19.02 58.35
C PHE B 116 -11.31 -20.33 57.70
N ILE B 117 -12.16 -21.08 58.40
CA ILE B 117 -12.65 -22.36 57.89
C ILE B 117 -14.18 -22.38 57.86
N PHE B 118 -14.72 -22.88 56.76
CA PHE B 118 -16.18 -22.94 56.60
C PHE B 118 -16.65 -24.38 56.44
N PRO B 119 -17.72 -24.74 57.17
CA PRO B 119 -18.32 -26.07 57.07
C PRO B 119 -19.01 -26.28 55.72
N PRO B 120 -18.99 -27.51 55.20
CA PRO B 120 -19.66 -27.82 53.94
C PRO B 120 -21.17 -27.61 54.03
N SER B 121 -21.75 -26.97 53.02
CA SER B 121 -23.17 -26.63 53.03
C SER B 121 -24.05 -27.88 53.07
N ASP B 122 -25.22 -27.73 53.68
CA ASP B 122 -26.17 -28.83 53.80
C ASP B 122 -26.75 -29.19 52.43
N GLU B 123 -26.73 -28.22 51.52
CA GLU B 123 -27.23 -28.44 50.16
C GLU B 123 -26.25 -29.30 49.37
N GLN B 124 -25.00 -29.32 49.84
CA GLN B 124 -23.97 -30.15 49.20
C GLN B 124 -23.96 -31.55 49.80
N LEU B 125 -24.59 -31.69 50.97
CA LEU B 125 -24.69 -32.98 51.64
C LEU B 125 -25.70 -33.90 50.96
N LYS B 126 -26.72 -33.29 50.35
CA LYS B 126 -27.76 -34.06 49.66
C LYS B 126 -27.34 -34.39 48.23
N SER B 127 -26.16 -33.91 47.83
CA SER B 127 -25.65 -34.14 46.49
C SER B 127 -24.94 -35.49 46.39
N GLY B 128 -24.29 -35.89 47.47
CA GLY B 128 -23.57 -37.16 47.51
C GLY B 128 -22.07 -36.98 47.67
N THR B 129 -21.60 -35.75 47.47
CA THR B 129 -20.19 -35.42 47.61
C THR B 129 -20.02 -34.14 48.41
N ALA B 130 -19.08 -34.16 49.36
CA ALA B 130 -18.85 -33.00 50.22
C ALA B 130 -17.38 -32.58 50.22
N SER B 131 -17.15 -31.28 50.39
CA SER B 131 -15.80 -30.74 50.41
C SER B 131 -15.65 -29.64 51.48
N VAL B 132 -14.43 -29.45 51.97
CA VAL B 132 -14.16 -28.45 52.99
C VAL B 132 -13.21 -27.38 52.46
N VAL B 133 -13.54 -26.12 52.70
CA VAL B 133 -12.75 -25.00 52.19
C VAL B 133 -12.22 -24.11 53.32
N CYS B 134 -10.91 -23.90 53.33
CA CYS B 134 -10.27 -23.03 54.32
C CYS B 134 -9.81 -21.73 53.66
N LEU B 135 -9.79 -20.65 54.43
CA LEU B 135 -9.45 -19.33 53.89
C LEU B 135 -8.23 -18.71 54.57
N LEU B 136 -7.27 -18.29 53.76
CA LEU B 136 -6.13 -17.52 54.23
C LEU B 136 -6.15 -16.14 53.57
N ASN B 137 -6.28 -15.09 54.38
CA ASN B 137 -6.53 -13.76 53.83
C ASN B 137 -5.49 -12.72 54.22
N ASN B 138 -5.12 -11.88 53.25
CA ASN B 138 -4.24 -10.73 53.47
C ASN B 138 -2.93 -11.07 54.15
N PHE B 139 -2.04 -11.75 53.43
CA PHE B 139 -0.74 -12.14 53.98
C PHE B 139 0.39 -12.00 52.96
N TYR B 140 1.55 -11.54 53.44
CA TYR B 140 2.74 -11.45 52.61
C TYR B 140 3.93 -12.05 53.35
N PRO B 141 4.75 -12.85 52.65
CA PRO B 141 4.59 -13.20 51.24
C PRO B 141 3.62 -14.36 51.01
N ARG B 142 3.59 -14.87 49.79
CA ARG B 142 2.66 -15.94 49.42
C ARG B 142 3.21 -17.33 49.77
N GLU B 143 4.32 -17.35 50.50
CA GLU B 143 4.92 -18.60 50.93
C GLU B 143 4.16 -19.20 52.11
N ALA B 144 3.24 -20.11 51.82
CA ALA B 144 2.42 -20.72 52.87
C ALA B 144 2.18 -22.21 52.59
N LYS B 145 1.76 -22.94 53.61
CA LYS B 145 1.45 -24.35 53.49
C LYS B 145 0.26 -24.73 54.35
N VAL B 146 -0.73 -25.39 53.75
CA VAL B 146 -1.94 -25.77 54.46
C VAL B 146 -2.11 -27.29 54.50
N GLN B 147 -2.18 -27.85 55.70
CA GLN B 147 -2.38 -29.28 55.88
C GLN B 147 -3.78 -29.58 56.42
N TRP B 148 -4.43 -30.57 55.86
CA TRP B 148 -5.78 -30.95 56.28
C TRP B 148 -5.74 -32.11 57.28
N LYS B 149 -5.86 -31.78 58.56
CA LYS B 149 -5.88 -32.78 59.61
C LYS B 149 -7.30 -33.13 60.02
N VAL B 150 -7.72 -34.35 59.67
CA VAL B 150 -9.03 -34.85 60.09
C VAL B 150 -8.85 -35.84 61.24
N ASP B 151 -9.33 -35.45 62.42
CA ASP B 151 -9.12 -36.21 63.65
C ASP B 151 -7.64 -36.45 63.90
N ASN B 152 -6.86 -35.38 63.81
CA ASN B 152 -5.41 -35.42 63.99
C ASN B 152 -4.75 -36.41 63.03
N ALA B 153 -5.13 -36.31 61.76
CA ALA B 153 -4.57 -37.17 60.72
C ALA B 153 -4.46 -36.42 59.39
N LEU B 154 -3.24 -36.33 58.87
CA LEU B 154 -2.97 -35.59 57.64
C LEU B 154 -3.67 -36.22 56.43
N GLN B 155 -4.33 -35.38 55.64
CA GLN B 155 -4.99 -35.82 54.42
C GLN B 155 -4.48 -35.04 53.22
N SER B 156 -3.41 -35.52 52.61
CA SER B 156 -2.81 -34.87 51.45
C SER B 156 -3.16 -35.58 50.16
N GLY B 157 -2.98 -34.89 49.04
CA GLY B 157 -3.25 -35.46 47.73
C GLY B 157 -4.64 -35.11 47.23
N ASN B 158 -5.62 -35.21 48.12
CA ASN B 158 -7.01 -34.91 47.76
C ASN B 158 -7.38 -33.46 48.05
N SER B 159 -6.42 -32.56 47.83
CA SER B 159 -6.64 -31.13 48.08
C SER B 159 -6.02 -30.27 47.00
N GLN B 160 -6.75 -29.24 46.58
CA GLN B 160 -6.26 -28.30 45.56
C GLN B 160 -6.32 -26.87 46.08
N GLU B 161 -5.24 -26.13 45.90
CA GLU B 161 -5.16 -24.75 46.36
C GLU B 161 -5.35 -23.76 45.22
N SER B 162 -5.88 -22.59 45.55
CA SER B 162 -6.10 -21.54 44.57
C SER B 162 -5.73 -20.17 45.15
N VAL B 163 -4.54 -19.69 44.80
CA VAL B 163 -4.05 -18.43 45.33
C VAL B 163 -4.24 -17.28 44.33
N THR B 164 -4.79 -16.17 44.81
CA THR B 164 -5.03 -15.01 43.98
C THR B 164 -3.73 -14.28 43.65
N GLU B 165 -3.83 -13.32 42.73
CA GLU B 165 -2.68 -12.48 42.38
C GLU B 165 -2.43 -11.49 43.51
N GLN B 166 -1.26 -10.86 43.51
CA GLN B 166 -0.93 -9.88 44.52
C GLN B 166 -1.85 -8.67 44.43
N ASP B 167 -2.39 -8.25 45.57
CA ASP B 167 -3.31 -7.11 45.60
C ASP B 167 -2.62 -5.84 45.16
N SER B 168 -3.36 -4.97 44.48
CA SER B 168 -2.81 -3.72 43.97
C SER B 168 -2.81 -2.64 45.03
N LYS B 169 -3.55 -2.86 46.10
CA LYS B 169 -3.72 -1.87 47.15
C LYS B 169 -2.73 -2.09 48.31
N ASP B 170 -2.94 -3.16 49.07
CA ASP B 170 -2.11 -3.43 50.23
C ASP B 170 -1.06 -4.50 49.96
N SER B 171 -1.02 -4.97 48.71
CA SER B 171 -0.02 -5.94 48.26
C SER B 171 -0.05 -7.22 49.08
N THR B 172 -1.23 -7.81 49.22
CA THR B 172 -1.41 -9.02 50.00
C THR B 172 -2.13 -10.11 49.22
N TYR B 173 -1.64 -11.34 49.35
CA TYR B 173 -2.23 -12.48 48.64
C TYR B 173 -3.38 -13.09 49.43
N SER B 174 -3.97 -14.15 48.86
CA SER B 174 -5.05 -14.87 49.52
C SER B 174 -5.13 -16.29 48.97
N LEU B 175 -5.18 -17.28 49.87
CA LEU B 175 -5.17 -18.68 49.46
C LEU B 175 -6.48 -19.37 49.84
N SER B 176 -6.86 -20.36 49.02
CA SER B 176 -8.07 -21.13 49.27
C SER B 176 -7.90 -22.59 48.85
N SER B 177 -8.00 -23.50 49.82
CA SER B 177 -7.83 -24.92 49.55
C SER B 177 -9.17 -25.65 49.59
N THR B 178 -9.24 -26.80 48.92
CA THR B 178 -10.47 -27.58 48.85
C THR B 178 -10.21 -29.07 49.08
N LEU B 179 -10.78 -29.60 50.16
CA LEU B 179 -10.64 -31.01 50.48
C LEU B 179 -11.69 -31.85 49.77
N THR B 180 -11.33 -32.39 48.61
CA THR B 180 -12.27 -33.16 47.79
C THR B 180 -12.47 -34.58 48.30
N LEU B 181 -13.67 -34.87 48.79
CA LEU B 181 -14.01 -36.21 49.27
C LEU B 181 -15.46 -36.56 48.95
N SER B 182 -15.88 -37.75 49.37
CA SER B 182 -17.26 -38.19 49.15
C SER B 182 -18.03 -38.17 50.47
N LYS B 183 -19.35 -38.25 50.38
CA LYS B 183 -20.21 -38.22 51.57
C LYS B 183 -20.05 -39.49 52.40
N ALA B 184 -19.80 -40.61 51.73
CA ALA B 184 -19.63 -41.88 52.42
C ALA B 184 -18.36 -41.89 53.26
N ASP B 185 -17.39 -41.07 52.87
CA ASP B 185 -16.13 -40.96 53.58
C ASP B 185 -16.14 -39.72 54.48
N TYR B 186 -17.22 -38.95 54.42
CA TYR B 186 -17.32 -37.69 55.13
C TYR B 186 -17.84 -37.83 56.55
N GLU B 187 -18.90 -38.61 56.73
CA GLU B 187 -19.57 -38.72 58.03
C GLU B 187 -18.98 -39.79 58.94
N LYS B 188 -17.77 -40.24 58.65
CA LYS B 188 -17.10 -41.21 59.52
C LYS B 188 -16.15 -40.51 60.48
N HIS B 189 -16.07 -39.19 60.36
CA HIS B 189 -15.24 -38.38 61.25
C HIS B 189 -16.00 -37.11 61.65
N LYS B 190 -15.52 -36.45 62.69
CA LYS B 190 -16.23 -35.29 63.25
C LYS B 190 -15.40 -34.01 63.23
N VAL B 191 -14.10 -34.13 63.42
CA VAL B 191 -13.24 -32.96 63.54
C VAL B 191 -12.49 -32.64 62.25
N TYR B 192 -12.64 -31.40 61.79
CA TYR B 192 -11.95 -30.92 60.59
C TYR B 192 -11.10 -29.70 60.93
N ALA B 193 -9.78 -29.84 60.84
CA ALA B 193 -8.87 -28.76 61.23
C ALA B 193 -8.20 -28.11 60.02
N CYS B 194 -7.64 -26.92 60.25
CA CYS B 194 -6.94 -26.19 59.19
C CYS B 194 -5.61 -25.66 59.72
N GLU B 195 -4.53 -26.38 59.44
CA GLU B 195 -3.21 -26.04 59.97
C GLU B 195 -2.37 -25.31 58.93
N VAL B 196 -1.85 -24.15 59.32
CA VAL B 196 -1.10 -23.28 58.40
C VAL B 196 0.28 -22.91 58.95
N THR B 197 1.30 -23.08 58.13
CA THR B 197 2.66 -22.67 58.49
C THR B 197 3.10 -21.48 57.66
N HIS B 198 3.17 -20.31 58.30
CA HIS B 198 3.54 -19.08 57.61
C HIS B 198 4.67 -18.36 58.34
N GLN B 199 5.33 -17.43 57.65
CA GLN B 199 6.43 -16.68 58.22
C GLN B 199 5.97 -15.79 59.38
N GLY B 200 4.79 -15.19 59.23
CA GLY B 200 4.25 -14.31 60.25
C GLY B 200 3.56 -15.05 61.38
N LEU B 201 3.90 -16.32 61.55
CA LEU B 201 3.31 -17.14 62.60
C LEU B 201 4.39 -17.84 63.42
N SER B 202 4.35 -17.64 64.74
CA SER B 202 5.31 -18.27 65.63
C SER B 202 4.94 -19.72 65.89
N SER B 203 3.69 -20.07 65.61
CA SER B 203 3.20 -21.42 65.79
C SER B 203 2.02 -21.68 64.86
N PRO B 204 1.98 -22.88 64.26
CA PRO B 204 0.95 -23.28 63.29
C PRO B 204 -0.47 -23.00 63.77
N VAL B 205 -1.13 -22.02 63.14
CA VAL B 205 -2.49 -21.65 63.50
C VAL B 205 -3.50 -22.71 63.08
N THR B 206 -4.19 -23.30 64.06
CA THR B 206 -5.17 -24.34 63.79
C THR B 206 -6.56 -23.92 64.25
N LYS B 207 -7.43 -23.63 63.28
CA LYS B 207 -8.82 -23.29 63.58
C LYS B 207 -9.75 -24.35 63.00
N SER B 208 -10.46 -25.06 63.88
CA SER B 208 -11.28 -26.19 63.48
C SER B 208 -12.75 -26.00 63.85
N PHE B 209 -13.54 -27.01 63.55
CA PHE B 209 -14.95 -27.03 63.93
C PHE B 209 -15.45 -28.47 64.02
N ASN B 210 -16.62 -28.66 64.60
CA ASN B 210 -17.18 -30.00 64.77
C ASN B 210 -18.47 -30.18 63.98
N ARG B 211 -18.59 -31.31 63.30
CA ARG B 211 -19.76 -31.61 62.48
C ARG B 211 -21.00 -31.83 63.32
N GLY B 212 -22.06 -31.09 63.00
CA GLY B 212 -23.33 -31.20 63.71
C GLY B 212 -23.39 -30.33 64.95
N GLU B 213 -22.67 -29.22 64.92
CA GLU B 213 -22.66 -28.29 66.05
C GLU B 213 -22.75 -26.85 65.58
N CYS B 214 -23.97 -26.33 65.51
CA CYS B 214 -24.21 -24.94 65.12
C CYS B 214 -25.31 -24.32 65.98
N GLN C 21 -16.47 8.88 25.63
CA GLN C 21 -15.25 8.12 25.86
C GLN C 21 -14.96 7.18 24.70
N VAL C 22 -13.68 6.98 24.40
CA VAL C 22 -13.27 6.09 23.31
C VAL C 22 -13.15 4.65 23.83
N GLN C 23 -14.08 3.79 23.41
CA GLN C 23 -14.15 2.44 23.94
C GLN C 23 -14.26 1.37 22.86
N LEU C 24 -13.87 0.15 23.21
CA LEU C 24 -14.04 -1.02 22.36
C LEU C 24 -14.67 -2.15 23.16
N VAL C 25 -15.85 -2.60 22.72
CA VAL C 25 -16.57 -3.65 23.43
C VAL C 25 -16.64 -4.94 22.62
N GLN C 26 -16.05 -6.01 23.16
CA GLN C 26 -16.02 -7.29 22.48
C GLN C 26 -17.12 -8.23 22.99
N SER C 27 -17.56 -9.14 22.14
CA SER C 27 -18.62 -10.08 22.50
C SER C 27 -18.42 -11.43 21.82
N GLY C 28 -18.77 -12.50 22.52
CA GLY C 28 -18.66 -13.84 21.98
C GLY C 28 -17.84 -14.76 22.84
N ALA C 29 -17.69 -14.40 24.12
CA ALA C 29 -16.92 -15.20 25.07
C ALA C 29 -17.57 -16.57 25.30
N GLU C 30 -17.37 -17.48 24.35
CA GLU C 30 -17.98 -18.81 24.45
C GLU C 30 -16.96 -19.90 24.12
N VAL C 31 -17.44 -21.15 24.11
CA VAL C 31 -16.60 -22.30 23.84
C VAL C 31 -17.05 -22.99 22.55
N LYS C 32 -16.09 -23.35 21.70
CA LYS C 32 -16.40 -23.97 20.41
C LYS C 32 -15.77 -25.35 20.26
N LYS C 33 -16.38 -26.19 19.43
CA LYS C 33 -15.89 -27.53 19.16
C LYS C 33 -14.65 -27.48 18.27
N PRO C 34 -13.62 -28.27 18.60
CA PRO C 34 -12.39 -28.36 17.80
C PRO C 34 -12.64 -28.68 16.33
N GLY C 35 -12.16 -27.82 15.44
CA GLY C 35 -12.34 -28.02 14.02
C GLY C 35 -13.37 -27.08 13.43
N ALA C 36 -14.25 -26.56 14.28
CA ALA C 36 -15.30 -25.66 13.84
C ALA C 36 -14.82 -24.21 13.78
N SER C 37 -15.74 -23.31 13.44
CA SER C 37 -15.40 -21.89 13.29
C SER C 37 -15.94 -21.07 14.46
N VAL C 38 -15.50 -19.82 14.53
CA VAL C 38 -15.95 -18.90 15.57
C VAL C 38 -15.78 -17.46 15.13
N LYS C 39 -16.84 -16.66 15.27
CA LYS C 39 -16.81 -15.28 14.82
C LYS C 39 -16.93 -14.31 15.99
N LEU C 40 -15.81 -13.67 16.34
CA LEU C 40 -15.77 -12.73 17.46
C LEU C 40 -15.98 -11.28 17.00
N SER C 41 -16.91 -10.58 17.64
CA SER C 41 -17.23 -9.22 17.27
C SER C 41 -16.50 -8.20 18.14
N CYS C 42 -16.24 -7.02 17.58
CA CYS C 42 -15.58 -5.95 18.32
C CYS C 42 -16.24 -4.61 18.04
N LYS C 43 -17.15 -4.21 18.93
CA LYS C 43 -17.90 -2.96 18.78
C LYS C 43 -17.01 -1.75 19.05
N ALA C 44 -17.22 -0.69 18.30
CA ALA C 44 -16.42 0.53 18.45
C ALA C 44 -17.28 1.76 18.65
N SER C 45 -16.78 2.71 19.44
CA SER C 45 -17.49 3.96 19.70
C SER C 45 -16.54 5.01 20.28
N GLY C 46 -16.93 6.28 20.15
CA GLY C 46 -16.15 7.37 20.70
C GLY C 46 -15.19 8.00 19.71
N TYR C 47 -15.18 7.47 18.49
CA TYR C 47 -14.30 7.98 17.43
C TYR C 47 -14.78 7.48 16.08
N THR C 48 -14.23 8.06 15.01
CA THR C 48 -14.53 7.59 13.66
C THR C 48 -13.91 6.22 13.44
N PHE C 49 -14.77 5.20 13.40
CA PHE C 49 -14.35 3.81 13.36
C PHE C 49 -13.47 3.48 12.15
N THR C 50 -13.78 4.07 11.01
CA THR C 50 -13.09 3.74 9.76
C THR C 50 -11.74 4.44 9.61
N ALA C 51 -11.40 5.28 10.59
CA ALA C 51 -10.21 6.11 10.47
C ALA C 51 -8.96 5.47 11.05
N TYR C 52 -9.11 4.34 11.75
CA TYR C 52 -7.98 3.72 12.43
C TYR C 52 -7.94 2.21 12.24
N TYR C 53 -6.73 1.66 12.19
CA TYR C 53 -6.55 0.22 12.04
C TYR C 53 -7.04 -0.55 13.27
N ILE C 54 -7.86 -1.57 13.02
CA ILE C 54 -8.33 -2.45 14.09
C ILE C 54 -7.60 -3.79 14.01
N ASN C 55 -6.53 -3.93 14.77
CA ASN C 55 -5.76 -5.17 14.77
C ASN C 55 -6.15 -6.09 15.92
N TRP C 56 -5.83 -7.37 15.77
CA TRP C 56 -6.23 -8.39 16.74
C TRP C 56 -5.04 -9.11 17.36
N VAL C 57 -5.01 -9.14 18.69
CA VAL C 57 -3.95 -9.80 19.43
C VAL C 57 -4.53 -10.82 20.41
N ARG C 58 -4.01 -12.04 20.38
CA ARG C 58 -4.48 -13.09 21.28
C ARG C 58 -3.44 -13.44 22.33
N GLN C 59 -3.90 -13.96 23.47
CA GLN C 59 -3.00 -14.36 24.55
C GLN C 59 -3.55 -15.58 25.29
N ALA C 60 -2.84 -16.70 25.18
CA ALA C 60 -3.21 -17.91 25.88
C ALA C 60 -3.09 -17.72 27.38
N PRO C 61 -3.89 -18.45 28.17
CA PRO C 61 -3.86 -18.37 29.63
C PRO C 61 -2.45 -18.56 30.21
N GLY C 62 -1.92 -17.52 30.83
CA GLY C 62 -0.57 -17.58 31.40
C GLY C 62 0.50 -17.64 30.33
N GLN C 63 0.30 -16.89 29.25
CA GLN C 63 1.24 -16.87 28.14
C GLN C 63 1.51 -15.45 27.65
N GLY C 64 2.21 -15.35 26.53
CA GLY C 64 2.54 -14.05 25.95
C GLY C 64 1.55 -13.62 24.89
N LEU C 65 1.73 -12.41 24.37
CA LEU C 65 0.83 -11.85 23.38
C LEU C 65 1.24 -12.28 21.97
N GLU C 66 0.25 -12.53 21.12
CA GLU C 66 0.50 -12.94 19.74
C GLU C 66 -0.36 -12.14 18.77
N TRP C 67 0.28 -11.51 17.80
CA TRP C 67 -0.40 -10.66 16.83
C TRP C 67 -0.93 -11.45 15.64
N ILE C 68 -2.23 -11.34 15.39
CA ILE C 68 -2.88 -12.07 14.31
C ILE C 68 -2.85 -11.28 13.01
N GLY C 69 -3.63 -10.20 12.97
CA GLY C 69 -3.72 -9.37 11.78
C GLY C 69 -4.38 -8.03 12.06
N ARG C 70 -4.28 -7.13 11.09
CA ARG C 70 -4.90 -5.81 11.20
C ARG C 70 -5.84 -5.57 10.04
N ILE C 71 -6.80 -4.67 10.23
CA ILE C 71 -7.72 -4.31 9.16
C ILE C 71 -8.14 -2.84 9.25
N TYR C 72 -8.15 -2.17 8.11
CA TYR C 72 -8.56 -0.78 8.03
C TYR C 72 -10.00 -0.67 7.52
N PRO C 73 -10.94 -0.34 8.42
CA PRO C 73 -12.34 -0.18 8.05
C PRO C 73 -12.51 0.97 7.06
N GLY C 74 -13.54 0.90 6.22
CA GLY C 74 -13.76 1.92 5.21
C GLY C 74 -13.16 1.51 3.88
N SER C 75 -12.09 0.73 3.95
CA SER C 75 -11.46 0.18 2.75
C SER C 75 -11.56 -1.34 2.75
N GLY C 76 -11.30 -1.94 3.91
CA GLY C 76 -11.35 -3.38 4.05
C GLY C 76 -9.98 -4.02 3.93
N TYR C 77 -8.95 -3.17 3.81
CA TYR C 77 -7.58 -3.64 3.65
C TYR C 77 -7.12 -4.44 4.86
N THR C 78 -6.59 -5.63 4.61
CA THR C 78 -6.16 -6.52 5.69
C THR C 78 -4.68 -6.87 5.59
N SER C 79 -4.08 -7.21 6.73
CA SER C 79 -2.69 -7.64 6.78
C SER C 79 -2.50 -8.73 7.81
N TYR C 80 -2.29 -9.95 7.35
CA TYR C 80 -2.17 -11.10 8.24
C TYR C 80 -0.73 -11.58 8.36
N ALA C 81 -0.46 -12.37 9.40
CA ALA C 81 0.84 -13.01 9.57
C ALA C 81 0.82 -14.37 8.88
N GLN C 82 2.01 -14.94 8.66
CA GLN C 82 2.13 -16.21 7.95
C GLN C 82 1.43 -17.36 8.69
N LYS C 83 1.25 -17.20 9.99
CA LYS C 83 0.58 -18.22 10.81
C LYS C 83 -0.94 -18.21 10.58
N PHE C 84 -1.46 -17.07 10.16
CA PHE C 84 -2.91 -16.94 10.00
C PHE C 84 -3.32 -16.41 8.64
N GLN C 85 -2.58 -16.80 7.60
CA GLN C 85 -2.95 -16.41 6.24
C GLN C 85 -3.95 -17.38 5.64
N GLY C 86 -4.06 -18.55 6.28
CA GLY C 86 -5.02 -19.55 5.85
C GLY C 86 -6.36 -19.39 6.56
N ARG C 87 -6.29 -18.96 7.81
CA ARG C 87 -7.50 -18.74 8.61
C ARG C 87 -7.62 -17.27 8.99
N ALA C 88 -8.40 -17.01 10.04
CA ALA C 88 -8.57 -15.66 10.59
C ALA C 88 -8.99 -14.64 9.53
N THR C 89 -10.26 -14.69 9.14
CA THR C 89 -10.80 -13.72 8.18
C THR C 89 -11.28 -12.47 8.91
N LEU C 90 -10.88 -11.31 8.41
CA LEU C 90 -11.26 -10.04 9.03
C LEU C 90 -12.22 -9.24 8.15
N THR C 91 -13.21 -8.61 8.78
CA THR C 91 -14.18 -7.79 8.07
C THR C 91 -14.40 -6.46 8.81
N ALA C 92 -15.37 -5.68 8.34
CA ALA C 92 -15.70 -4.40 8.96
C ALA C 92 -16.99 -3.83 8.40
N ASP C 93 -17.78 -3.20 9.25
CA ASP C 93 -19.02 -2.53 8.83
C ASP C 93 -19.03 -1.08 9.29
N GLU C 94 -19.25 -0.17 8.36
CA GLU C 94 -19.33 1.25 8.68
C GLU C 94 -20.62 1.58 9.40
N SER C 95 -21.66 0.77 9.15
CA SER C 95 -22.98 1.03 9.70
C SER C 95 -23.11 0.57 11.15
N THR C 96 -22.44 -0.53 11.49
CA THR C 96 -22.54 -1.09 12.83
C THR C 96 -21.26 -0.93 13.65
N SER C 97 -20.20 -0.48 12.99
CA SER C 97 -18.91 -0.25 13.64
C SER C 97 -18.41 -1.49 14.37
N THR C 98 -18.19 -2.57 13.63
CA THR C 98 -17.75 -3.83 14.24
C THR C 98 -16.63 -4.46 13.41
N ALA C 99 -15.69 -5.12 14.10
CA ALA C 99 -14.53 -5.71 13.44
C ALA C 99 -14.78 -7.14 12.96
N TYR C 100 -15.53 -7.91 13.75
CA TYR C 100 -15.93 -9.27 13.38
C TYR C 100 -14.74 -10.16 12.99
N MET C 101 -13.96 -10.59 13.98
CA MET C 101 -12.85 -11.52 13.73
C MET C 101 -13.40 -12.94 13.64
N GLU C 102 -12.85 -13.75 12.72
CA GLU C 102 -13.36 -15.09 12.51
C GLU C 102 -12.29 -16.10 12.10
N LEU C 103 -12.09 -17.11 12.94
CA LEU C 103 -11.21 -18.23 12.61
C LEU C 103 -11.99 -19.35 11.94
N SER C 104 -11.32 -20.10 11.07
CA SER C 104 -11.98 -21.15 10.30
C SER C 104 -11.89 -22.51 11.01
N SER C 105 -10.67 -23.02 11.19
CA SER C 105 -10.49 -24.30 11.86
C SER C 105 -9.72 -24.12 13.18
N LEU C 106 -10.39 -24.46 14.28
CA LEU C 106 -9.80 -24.31 15.60
C LEU C 106 -8.93 -25.50 16.00
N ARG C 107 -7.91 -25.22 16.81
CA ARG C 107 -7.05 -26.27 17.34
C ARG C 107 -7.03 -26.21 18.87
N SER C 108 -6.35 -27.17 19.48
CA SER C 108 -6.19 -27.19 20.93
C SER C 108 -5.22 -26.10 21.36
N GLU C 109 -4.40 -25.64 20.41
CA GLU C 109 -3.42 -24.60 20.67
C GLU C 109 -3.96 -23.22 20.34
N ASP C 110 -5.22 -23.16 19.92
CA ASP C 110 -5.86 -21.90 19.57
C ASP C 110 -6.76 -21.40 20.70
N THR C 111 -6.58 -21.96 21.88
CA THR C 111 -7.34 -21.54 23.06
C THR C 111 -6.67 -20.34 23.71
N ALA C 112 -7.28 -19.17 23.55
CA ALA C 112 -6.70 -17.93 24.07
C ALA C 112 -7.73 -16.83 24.25
N VAL C 113 -7.29 -15.72 24.82
CA VAL C 113 -8.15 -14.55 24.97
C VAL C 113 -7.85 -13.55 23.85
N TYR C 114 -8.84 -13.32 23.00
CA TYR C 114 -8.64 -12.48 21.82
C TYR C 114 -9.00 -11.01 22.09
N PHE C 115 -8.06 -10.12 21.79
CA PHE C 115 -8.28 -8.69 21.98
C PHE C 115 -8.32 -7.96 20.64
N CYS C 116 -9.00 -6.82 20.61
CA CYS C 116 -8.96 -5.93 19.45
C CYS C 116 -8.46 -4.55 19.88
N ALA C 117 -7.39 -4.09 19.27
CA ALA C 117 -6.78 -2.83 19.66
C ALA C 117 -6.61 -1.89 18.47
N ARG C 118 -6.35 -0.63 18.75
CA ARG C 118 -6.12 0.37 17.70
C ARG C 118 -5.02 1.33 18.12
N PRO C 119 -4.31 1.90 17.14
CA PRO C 119 -3.28 2.90 17.44
C PRO C 119 -3.86 4.15 18.09
N PRO C 120 -3.05 4.91 18.83
CA PRO C 120 -3.54 6.12 19.50
C PRO C 120 -3.77 7.30 18.55
N VAL C 121 -2.71 7.85 17.98
CA VAL C 121 -2.81 9.04 17.15
C VAL C 121 -2.84 8.71 15.66
N TYR C 122 -1.79 8.05 15.17
CA TYR C 122 -1.72 7.68 13.77
C TYR C 122 -2.62 6.49 13.49
N TYR C 123 -2.92 6.24 12.22
CA TYR C 123 -3.85 5.16 11.89
C TYR C 123 -3.13 3.85 11.57
N ASP C 124 -1.87 3.95 11.13
CA ASP C 124 -1.15 2.77 10.68
C ASP C 124 -0.04 2.33 11.64
N SER C 125 0.20 3.14 12.69
CA SER C 125 1.27 2.84 13.63
C SER C 125 1.05 1.50 14.35
N ALA C 126 2.14 0.89 14.79
CA ALA C 126 2.07 -0.47 15.32
C ALA C 126 2.13 -0.52 16.85
N TRP C 127 1.94 0.62 17.51
CA TRP C 127 1.77 0.61 18.96
C TRP C 127 0.30 0.78 19.32
N PHE C 128 -0.17 -0.04 20.25
CA PHE C 128 -1.60 -0.17 20.49
C PHE C 128 -2.05 0.41 21.82
N ALA C 129 -3.00 1.35 21.75
CA ALA C 129 -3.72 1.82 22.92
C ALA C 129 -5.20 1.50 22.72
N TYR C 130 -6.04 2.01 23.61
CA TYR C 130 -7.49 1.84 23.49
C TYR C 130 -7.89 0.39 23.20
N TRP C 131 -7.52 -0.53 24.09
CA TRP C 131 -7.86 -1.94 23.92
C TRP C 131 -9.33 -2.19 24.26
N GLY C 132 -9.74 -3.44 24.13
CA GLY C 132 -11.11 -3.80 24.44
C GLY C 132 -11.21 -4.92 25.47
N GLN C 133 -12.34 -5.00 26.16
CA GLN C 133 -12.59 -6.06 27.11
C GLN C 133 -12.65 -7.40 26.39
N GLY C 134 -11.49 -8.03 26.23
CA GLY C 134 -11.35 -9.25 25.43
C GLY C 134 -12.27 -10.39 25.80
N THR C 135 -12.53 -11.26 24.83
CA THR C 135 -13.38 -12.42 25.03
C THR C 135 -12.57 -13.70 24.95
N LEU C 136 -12.66 -14.53 25.99
CA LEU C 136 -11.93 -15.79 26.04
C LEU C 136 -12.59 -16.85 25.16
N VAL C 137 -11.78 -17.61 24.44
CA VAL C 137 -12.28 -18.67 23.57
C VAL C 137 -11.66 -20.01 23.91
N THR C 138 -12.50 -20.94 24.37
CA THR C 138 -12.05 -22.28 24.73
C THR C 138 -12.35 -23.27 23.61
N VAL C 139 -11.37 -24.09 23.26
CA VAL C 139 -11.55 -25.10 22.21
C VAL C 139 -11.38 -26.51 22.79
N SER C 140 -12.51 -27.14 23.10
CA SER C 140 -12.49 -28.49 23.65
C SER C 140 -13.76 -29.24 23.30
N SER C 141 -13.72 -30.57 23.40
CA SER C 141 -14.82 -31.41 22.94
C SER C 141 -15.85 -31.71 24.02
N ALA C 142 -15.48 -31.50 25.28
CA ALA C 142 -16.36 -31.80 26.40
C ALA C 142 -17.56 -30.86 26.44
N SER C 143 -18.66 -31.33 27.03
CA SER C 143 -19.92 -30.57 27.05
C SER C 143 -19.86 -29.37 27.97
N THR C 144 -20.68 -28.37 27.67
CA THR C 144 -20.78 -27.16 28.49
C THR C 144 -21.76 -27.35 29.63
N LYS C 145 -21.27 -27.24 30.86
CA LYS C 145 -22.11 -27.45 32.04
C LYS C 145 -22.20 -26.19 32.89
N GLY C 146 -23.36 -25.98 33.51
CA GLY C 146 -23.58 -24.84 34.37
C GLY C 146 -23.00 -25.02 35.76
N PRO C 147 -22.65 -23.91 36.42
CA PRO C 147 -22.03 -23.92 37.75
C PRO C 147 -23.03 -24.14 38.89
N SER C 148 -22.55 -24.64 40.02
CA SER C 148 -23.37 -24.81 41.21
C SER C 148 -22.99 -23.79 42.28
N VAL C 149 -23.99 -23.14 42.87
CA VAL C 149 -23.73 -22.07 43.84
C VAL C 149 -24.04 -22.51 45.27
N PHE C 150 -23.00 -22.56 46.10
CA PHE C 150 -23.15 -22.90 47.51
C PHE C 150 -22.65 -21.76 48.40
N PRO C 151 -23.46 -21.38 49.39
CA PRO C 151 -23.10 -20.29 50.31
C PRO C 151 -22.19 -20.75 51.44
N LEU C 152 -21.36 -19.84 51.95
CA LEU C 152 -20.50 -20.13 53.09
C LEU C 152 -20.96 -19.36 54.32
N ALA C 153 -21.86 -19.96 55.08
CA ALA C 153 -22.44 -19.31 56.26
C ALA C 153 -21.42 -19.18 57.38
N PRO C 154 -21.21 -17.93 57.85
CA PRO C 154 -20.29 -17.66 58.97
C PRO C 154 -20.90 -18.04 60.32
N SER C 155 -20.23 -18.94 61.03
CA SER C 155 -20.68 -19.35 62.37
C SER C 155 -19.89 -18.60 63.43
N SER C 156 -19.94 -19.11 64.67
CA SER C 156 -19.21 -18.49 65.77
C SER C 156 -17.71 -18.68 65.58
N LYS C 157 -17.34 -19.65 64.75
CA LYS C 157 -15.94 -19.92 64.47
C LYS C 157 -15.38 -18.92 63.46
N SER C 158 -16.26 -18.29 62.70
CA SER C 158 -15.86 -17.33 61.68
C SER C 158 -16.12 -15.89 62.10
N THR C 159 -16.46 -15.70 63.37
CA THR C 159 -16.73 -14.36 63.90
C THR C 159 -15.53 -13.79 64.64
N SER C 160 -14.76 -12.95 63.94
CA SER C 160 -13.60 -12.31 64.54
C SER C 160 -14.02 -11.10 65.38
N GLY C 161 -13.04 -10.42 65.96
CA GLY C 161 -13.31 -9.24 66.76
C GLY C 161 -13.49 -8.00 65.91
N GLY C 162 -14.70 -7.82 65.36
CA GLY C 162 -14.99 -6.65 64.54
C GLY C 162 -15.16 -6.98 63.08
N THR C 163 -14.76 -8.20 62.69
CA THR C 163 -14.85 -8.63 61.31
C THR C 163 -15.40 -10.06 61.20
N ALA C 164 -15.82 -10.43 59.99
CA ALA C 164 -16.34 -11.77 59.73
C ALA C 164 -16.24 -12.10 58.25
N ALA C 165 -15.92 -13.35 57.94
CA ALA C 165 -15.74 -13.78 56.56
C ALA C 165 -16.93 -14.59 56.06
N LEU C 166 -17.32 -14.34 54.81
CA LEU C 166 -18.40 -15.08 54.16
C LEU C 166 -18.30 -14.94 52.65
N GLY C 167 -18.70 -15.98 51.92
CA GLY C 167 -18.62 -15.95 50.47
C GLY C 167 -19.43 -17.04 49.78
N CYS C 168 -19.37 -17.05 48.45
CA CYS C 168 -20.07 -18.04 47.65
C CYS C 168 -19.10 -19.08 47.11
N LEU C 169 -19.65 -20.20 46.62
CA LEU C 169 -18.83 -21.27 46.08
C LEU C 169 -19.33 -21.76 44.73
N VAL C 170 -18.47 -21.72 43.73
CA VAL C 170 -18.78 -22.22 42.40
C VAL C 170 -18.05 -23.54 42.15
N LYS C 171 -18.79 -24.59 41.83
CA LYS C 171 -18.20 -25.92 41.73
C LYS C 171 -18.67 -26.69 40.50
N ASP C 172 -17.74 -27.40 39.88
CA ASP C 172 -18.00 -28.32 38.77
C ASP C 172 -18.70 -27.67 37.57
N TYR C 173 -17.94 -26.90 36.81
CA TYR C 173 -18.37 -26.37 35.53
C TYR C 173 -17.21 -26.44 34.55
N PHE C 174 -17.46 -26.96 33.36
CA PHE C 174 -16.37 -27.28 32.43
C PHE C 174 -15.70 -26.07 31.76
N PRO C 175 -16.48 -25.12 31.23
CA PRO C 175 -15.75 -24.04 30.57
C PRO C 175 -15.69 -22.74 31.38
N GLU C 176 -14.53 -22.11 31.39
CA GLU C 176 -14.37 -20.77 31.98
C GLU C 176 -14.89 -19.73 30.97
N PRO C 177 -15.18 -18.51 31.43
CA PRO C 177 -15.09 -17.96 32.79
C PRO C 177 -16.45 -17.75 33.46
N VAL C 178 -16.42 -17.16 34.64
CA VAL C 178 -17.64 -16.80 35.37
C VAL C 178 -17.48 -15.43 36.01
N THR C 179 -18.48 -14.57 35.83
CA THR C 179 -18.45 -13.23 36.42
C THR C 179 -19.13 -13.25 37.78
N VAL C 180 -18.32 -13.20 38.84
CA VAL C 180 -18.85 -13.24 40.20
C VAL C 180 -18.74 -11.86 40.86
N SER C 181 -19.90 -11.32 41.26
CA SER C 181 -19.93 -10.03 41.94
C SER C 181 -20.76 -10.12 43.22
N TRP C 182 -20.88 -9.01 43.92
CA TRP C 182 -21.67 -8.95 45.15
C TRP C 182 -22.58 -7.73 45.16
N ASN C 183 -23.87 -7.99 45.37
CA ASN C 183 -24.90 -6.95 45.36
C ASN C 183 -24.89 -6.16 44.06
N SER C 184 -24.80 -6.89 42.94
CA SER C 184 -24.79 -6.30 41.61
C SER C 184 -23.66 -5.28 41.42
N GLY C 185 -22.52 -5.53 42.05
CA GLY C 185 -21.37 -4.66 41.94
C GLY C 185 -21.43 -3.47 42.87
N ALA C 186 -21.90 -3.71 44.10
CA ALA C 186 -21.98 -2.65 45.10
C ALA C 186 -21.01 -2.92 46.24
N LEU C 187 -20.90 -4.19 46.63
CA LEU C 187 -19.98 -4.59 47.70
C LEU C 187 -18.69 -5.13 47.13
N THR C 188 -17.72 -4.25 46.94
CA THR C 188 -16.43 -4.63 46.36
C THR C 188 -15.29 -4.46 47.36
N SER C 189 -15.55 -3.73 48.44
CA SER C 189 -14.55 -3.48 49.46
C SER C 189 -14.24 -4.75 50.26
N GLY C 190 -13.00 -5.21 50.15
CA GLY C 190 -12.57 -6.41 50.86
C GLY C 190 -13.10 -7.69 50.23
N VAL C 191 -12.97 -7.79 48.92
CA VAL C 191 -13.43 -8.97 48.19
C VAL C 191 -12.28 -9.61 47.41
N HIS C 192 -12.10 -10.91 47.58
CA HIS C 192 -11.06 -11.64 46.86
C HIS C 192 -11.64 -12.82 46.09
N THR C 193 -11.76 -12.66 44.78
CA THR C 193 -12.26 -13.74 43.93
C THR C 193 -11.11 -14.64 43.47
N PHE C 194 -11.15 -15.90 43.89
CA PHE C 194 -10.08 -16.84 43.58
C PHE C 194 -10.19 -17.39 42.16
N PRO C 195 -9.04 -17.66 41.53
CA PRO C 195 -9.02 -18.29 40.21
C PRO C 195 -9.49 -19.74 40.27
N ALA C 196 -10.06 -20.23 39.17
CA ALA C 196 -10.61 -21.58 39.13
C ALA C 196 -9.51 -22.64 39.09
N VAL C 197 -9.82 -23.82 39.62
CA VAL C 197 -8.90 -24.94 39.59
C VAL C 197 -9.52 -26.14 38.88
N LEU C 198 -8.72 -26.84 38.08
CA LEU C 198 -9.20 -27.98 37.31
C LEU C 198 -9.25 -29.23 38.18
N GLN C 199 -10.45 -29.76 38.40
CA GLN C 199 -10.64 -30.94 39.24
C GLN C 199 -10.35 -32.23 38.48
N SER C 200 -10.55 -33.36 39.16
CA SER C 200 -10.27 -34.67 38.57
C SER C 200 -11.23 -34.98 37.42
N SER C 201 -12.45 -34.46 37.51
CA SER C 201 -13.47 -34.72 36.49
C SER C 201 -13.24 -33.86 35.25
N GLY C 202 -12.39 -32.85 35.38
CA GLY C 202 -12.12 -31.94 34.28
C GLY C 202 -13.04 -30.73 34.31
N LEU C 203 -13.58 -30.45 35.49
CA LEU C 203 -14.49 -29.33 35.67
C LEU C 203 -13.92 -28.33 36.67
N TYR C 204 -13.82 -27.07 36.26
CA TYR C 204 -13.24 -26.02 37.09
C TYR C 204 -14.07 -25.76 38.35
N SER C 205 -13.49 -24.99 39.28
CA SER C 205 -14.16 -24.63 40.52
C SER C 205 -13.39 -23.52 41.24
N LEU C 206 -14.12 -22.51 41.72
CA LEU C 206 -13.49 -21.41 42.44
C LEU C 206 -14.35 -20.91 43.60
N SER C 207 -13.81 -19.94 44.34
CA SER C 207 -14.53 -19.33 45.46
C SER C 207 -14.41 -17.82 45.43
N SER C 208 -15.24 -17.14 46.22
CA SER C 208 -15.22 -15.69 46.30
C SER C 208 -15.82 -15.21 47.61
N VAL C 209 -14.98 -14.71 48.51
CA VAL C 209 -15.42 -14.29 49.83
C VAL C 209 -15.32 -12.79 50.04
N VAL C 210 -16.05 -12.28 51.02
CA VAL C 210 -16.04 -10.85 51.35
C VAL C 210 -15.76 -10.63 52.83
N THR C 211 -14.87 -9.71 53.14
CA THR C 211 -14.56 -9.37 54.53
C THR C 211 -15.50 -8.28 55.04
N VAL C 212 -16.56 -8.69 55.73
CA VAL C 212 -17.52 -7.74 56.27
C VAL C 212 -17.39 -7.62 57.79
N PRO C 213 -17.68 -6.44 58.33
CA PRO C 213 -17.64 -6.22 59.78
C PRO C 213 -18.59 -7.14 60.54
N SER C 214 -18.16 -7.64 61.70
CA SER C 214 -18.99 -8.53 62.49
C SER C 214 -20.15 -7.76 63.12
N SER C 215 -19.96 -6.45 63.30
CA SER C 215 -21.00 -5.60 63.87
C SER C 215 -22.13 -5.38 62.88
N SER C 216 -21.84 -5.60 61.60
CA SER C 216 -22.84 -5.40 60.55
C SER C 216 -23.26 -6.74 59.92
N LEU C 217 -23.13 -7.81 60.68
CA LEU C 217 -23.51 -9.14 60.20
C LEU C 217 -25.02 -9.28 60.08
N GLY C 218 -25.72 -9.10 61.19
CA GLY C 218 -27.16 -9.24 61.23
C GLY C 218 -27.90 -8.00 60.79
N THR C 219 -27.16 -7.00 60.31
CA THR C 219 -27.76 -5.74 59.88
C THR C 219 -28.05 -5.74 58.39
N GLN C 220 -27.13 -6.28 57.61
CA GLN C 220 -27.26 -6.31 56.15
C GLN C 220 -27.38 -7.74 55.61
N THR C 221 -28.03 -7.85 54.45
CA THR C 221 -28.17 -9.14 53.77
C THR C 221 -27.15 -9.23 52.65
N TYR C 222 -26.52 -10.39 52.52
CA TYR C 222 -25.47 -10.59 51.52
C TYR C 222 -25.83 -11.68 50.52
N ILE C 223 -25.88 -11.29 49.25
CA ILE C 223 -26.20 -12.23 48.17
C ILE C 223 -25.08 -12.24 47.13
N CYS C 224 -24.69 -13.42 46.69
CA CYS C 224 -23.65 -13.55 45.68
C CYS C 224 -24.26 -13.62 44.28
N ASN C 225 -23.65 -12.90 43.34
CA ASN C 225 -24.13 -12.87 41.96
C ASN C 225 -23.21 -13.67 41.03
N VAL C 226 -23.70 -14.82 40.58
CA VAL C 226 -22.92 -15.69 39.72
C VAL C 226 -23.43 -15.67 38.28
N ASN C 227 -22.62 -15.16 37.37
CA ASN C 227 -23.00 -15.08 35.96
C ASN C 227 -22.09 -15.91 35.07
N HIS C 228 -22.66 -16.93 34.44
CA HIS C 228 -21.90 -17.82 33.57
C HIS C 228 -22.39 -17.72 32.13
N LYS C 229 -21.58 -17.11 31.26
CA LYS C 229 -21.95 -16.89 29.86
C LYS C 229 -21.96 -18.16 28.99
N PRO C 230 -20.95 -19.04 29.09
CA PRO C 230 -20.96 -20.21 28.18
C PRO C 230 -22.17 -21.13 28.33
N SER C 231 -22.79 -21.15 29.51
CA SER C 231 -23.94 -22.02 29.73
C SER C 231 -25.22 -21.22 30.00
N ASN C 232 -25.08 -19.89 30.00
CA ASN C 232 -26.20 -18.97 30.24
C ASN C 232 -26.93 -19.29 31.54
N THR C 233 -26.24 -19.10 32.67
CA THR C 233 -26.82 -19.39 33.98
C THR C 233 -26.61 -18.22 34.94
N LYS C 234 -27.69 -17.79 35.59
CA LYS C 234 -27.63 -16.73 36.58
C LYS C 234 -28.30 -17.16 37.88
N VAL C 235 -27.50 -17.62 38.83
CA VAL C 235 -28.02 -18.05 40.13
C VAL C 235 -27.55 -17.12 41.25
N ASP C 236 -28.50 -16.66 42.06
CA ASP C 236 -28.18 -15.75 43.16
C ASP C 236 -28.61 -16.34 44.50
C1 NAG D . 17.83 20.68 -3.46
C2 NAG D . 19.35 20.77 -3.46
C3 NAG D . 19.86 20.85 -2.02
C4 NAG D . 19.17 21.97 -1.27
C5 NAG D . 17.65 21.87 -1.41
C6 NAG D . 16.93 23.06 -0.82
C7 NAG D . 20.52 19.72 -5.35
C8 NAG D . 21.07 18.44 -5.91
N2 NAG D . 19.94 19.62 -4.14
O3 NAG D . 21.27 21.06 -2.04
O4 NAG D . 19.50 21.90 0.11
O5 NAG D . 17.29 21.81 -2.80
O6 NAG D . 15.52 22.99 -1.08
O7 NAG D . 20.60 20.78 -5.94
C1 NAG D . 20.41 22.95 0.48
C2 NAG D . 20.65 22.89 1.98
C3 NAG D . 21.65 23.97 2.41
C4 NAG D . 22.91 23.89 1.57
C5 NAG D . 22.57 23.91 0.09
C6 NAG D . 23.78 23.71 -0.81
C7 NAG D . 18.65 21.96 3.06
C8 NAG D . 17.39 22.29 3.82
N2 NAG D . 19.41 23.01 2.71
O3 NAG D . 21.95 23.80 3.78
O4 NAG D . 23.76 24.99 1.88
O5 NAG D . 21.66 22.86 -0.22
O6 NAG D . 24.62 24.86 -0.81
O7 NAG D . 18.97 20.82 2.78
C1 BMA D . 24.96 24.52 2.51
C2 BMA D . 26.01 25.65 2.54
C3 BMA D . 27.26 25.20 3.30
C4 BMA D . 26.91 24.56 4.64
C5 BMA D . 25.91 23.41 4.42
C6 BMA D . 25.50 22.71 5.70
O2 BMA D . 25.50 26.79 3.23
O3 BMA D . 28.18 26.27 3.50
O4 BMA D . 28.07 24.04 5.26
O5 BMA D . 24.72 23.97 3.80
O6 BMA D . 24.93 23.68 6.56
C1 MAN D . 24.99 23.20 7.92
C2 MAN D . 23.72 23.63 8.66
C3 MAN D . 23.80 25.14 8.96
C4 MAN D . 25.12 25.49 9.65
C5 MAN D . 26.30 25.01 8.79
C6 MAN D . 27.65 25.27 9.42
O2 MAN D . 23.62 23.01 9.94
O3 MAN D . 22.69 25.59 9.73
O4 MAN D . 25.21 26.89 9.84
O5 MAN D . 26.17 23.59 8.56
O6 MAN D . 27.89 26.67 9.43
C1 MAN D . 21.73 26.19 8.84
C2 MAN D . 22.21 27.60 8.45
C3 MAN D . 21.98 28.59 9.60
C4 MAN D . 20.54 28.48 10.13
C5 MAN D . 20.24 27.03 10.52
C6 MAN D . 18.82 26.82 11.02
O2 MAN D . 21.46 28.11 7.35
O3 MAN D . 22.26 29.92 9.20
O4 MAN D . 20.38 29.33 11.26
O5 MAN D . 20.43 26.18 9.37
O6 MAN D . 18.65 27.59 12.21
C1 MAN D . 29.00 26.37 2.32
C2 MAN D . 30.48 26.42 2.74
C3 MAN D . 30.85 27.81 3.26
C4 MAN D . 30.39 28.90 2.27
C5 MAN D . 28.89 28.76 2.01
C6 MAN D . 28.37 29.76 0.99
O2 MAN D . 31.35 26.20 1.62
O3 MAN D . 32.25 27.93 3.51
O4 MAN D . 30.66 30.18 2.82
O5 MAN D . 28.62 27.44 1.49
O6 MAN D . 28.52 29.17 -0.31
C1 NAG E . -15.55 16.79 -25.19
C2 NAG E . -15.25 17.13 -23.72
C3 NAG E . -15.73 18.55 -23.40
C4 NAG E . -15.23 19.56 -24.42
C5 NAG E . -15.53 19.08 -25.85
C6 NAG E . -14.96 19.97 -26.92
C7 NAG E . -15.20 15.14 -22.29
C8 NAG E . -16.01 14.24 -21.39
N2 NAG E . -15.87 16.17 -22.83
O3 NAG E . -15.27 18.91 -22.11
O4 NAG E . -15.89 20.80 -24.22
O5 NAG E . -14.97 17.77 -26.03
O6 NAG E . -13.63 19.58 -27.24
O7 NAG E . -14.02 14.94 -22.51
C1 NAG E . -14.93 21.83 -23.86
C2 NAG E . -15.51 23.18 -24.28
C3 NAG E . -14.55 24.30 -23.91
C4 NAG E . -14.19 24.23 -22.44
C5 NAG E . -13.68 22.83 -22.08
C6 NAG E . -13.43 22.65 -20.60
C7 NAG E . -17.02 22.93 -26.20
C8 NAG E . -17.14 22.99 -27.70
N2 NAG E . -15.81 23.20 -25.70
O3 NAG E . -15.14 25.55 -24.22
O4 NAG E . -13.19 25.19 -22.12
O5 NAG E . -14.64 21.85 -22.46
O6 NAG E . -14.65 22.68 -19.87
O7 NAG E . -17.97 22.64 -25.48
C1 NAG F . 10.35 -3.18 3.74
C2 NAG F . 10.72 -4.65 3.52
C3 NAG F . 12.10 -4.94 4.11
C4 NAG F . 13.13 -3.96 3.57
C5 NAG F . 12.65 -2.52 3.78
C6 NAG F . 13.56 -1.50 3.15
C7 NAG F . 8.81 -6.19 3.37
C8 NAG F . 7.86 -7.06 4.13
N2 NAG F . 9.73 -5.54 4.10
O3 NAG F . 12.48 -6.27 3.78
O4 NAG F . 14.37 -4.14 4.24
O5 NAG F . 11.36 -2.35 3.18
O6 NAG F . 12.83 -0.43 2.56
O7 NAG F . 8.76 -6.07 2.15
#